data_3W2U
#
_entry.id   3W2U
#
_cell.length_a   68.215
_cell.length_b   71.669
_cell.length_c   129.671
_cell.angle_alpha   90.00
_cell.angle_beta   90.00
_cell.angle_gamma   90.00
#
_symmetry.space_group_name_H-M   'P 21 21 21'
#
loop_
_entity.id
_entity.type
_entity.pdbx_description
1 polymer 'Dihydroorotate dehydrogenase (fumarate)'
2 non-polymer '5-{2-[3,5-bis(trifluoromethyl)phenyl]ethyl}-2,6-dioxo-1,2,3,6-tetrahydropyrimidine-4-carboxylic acid'
3 non-polymer GLYCEROL
4 non-polymer 'FLAVIN MONONUCLEOTIDE'
5 non-polymer 'COBALT HEXAMMINE(III)'
6 water water
#
_entity_poly.entity_id   1
_entity_poly.type   'polypeptide(L)'
_entity_poly.pdbx_seq_one_letter_code
;MCLKLNLLDHVFANPFMNAAGVLCSTEEDLRCMTASSSGALVSKSCTSAPRDGNPEPRYMAFPLGSINSMGLPNLGFDFY
LKYASDLHDYSKKPLFLSISGLSVEENVAMVRRLAPVAQEKGVLLELNLSCPNVPGKPQVAYDFEAMRTYLQQVSLAYGL
PFGVKMPPYFDIAHFDTAAAVLNEFPLVKFVTCVNSVGNGLVIDAESESVVIKPKQGFGGLGGKYILPTALANVNAFYRR
CPDKLVFGCGGVYSGEDAFLHILAGASMVQVGTALQEEGPGIFTRLEDELLEIMARKGYRTLEEFRGRVKTIE
;
_entity_poly.pdbx_strand_id   A,B
#
loop_
_chem_comp.id
_chem_comp.type
_chem_comp.name
_chem_comp.formula
FMN non-polymer 'FLAVIN MONONUCLEOTIDE' 'C17 H21 N4 O9 P'
GOL non-polymer GLYCEROL 'C3 H8 O3'
NCO non-polymer 'COBALT HEXAMMINE(III)' 'Co H18 N6 3'
ROU non-polymer '5-{2-[3,5-bis(trifluoromethyl)phenyl]ethyl}-2,6-dioxo-1,2,3,6-tetrahydropyrimidine-4-carboxylic acid' 'C15 H10 F6 N2 O4'
#
# COMPACT_ATOMS: atom_id res chain seq x y z
N MET A 1 -22.11 14.85 26.31
CA MET A 1 -21.14 14.07 25.45
C MET A 1 -21.87 13.21 24.40
N CYS A 2 -21.47 13.31 23.13
CA CYS A 2 -22.24 12.64 22.08
C CYS A 2 -21.59 12.58 20.73
N LEU A 3 -22.08 11.63 19.94
CA LEU A 3 -21.46 11.23 18.66
C LEU A 3 -22.21 11.80 17.45
N LYS A 4 -23.27 12.53 17.72
CA LYS A 4 -24.23 13.01 16.69
C LYS A 4 -23.53 13.85 15.63
N LEU A 5 -23.98 13.76 14.39
CA LEU A 5 -23.54 14.70 13.40
C LEU A 5 -24.60 15.00 12.35
N ASN A 6 -24.60 16.23 11.89
CA ASN A 6 -25.43 16.66 10.79
C ASN A 6 -24.56 17.01 9.65
N LEU A 7 -24.74 16.35 8.54
CA LEU A 7 -24.03 16.73 7.37
C LEU A 7 -24.84 16.26 6.19
N LEU A 8 -24.54 16.82 5.03
CA LEU A 8 -25.30 16.60 3.81
C LEU A 8 -26.79 16.63 4.08
N ASP A 9 -27.23 17.63 4.84
CA ASP A 9 -28.63 17.78 5.16
C ASP A 9 -29.27 16.53 5.76
N HIS A 10 -28.47 15.68 6.41
CA HIS A 10 -29.05 14.56 7.13
C HIS A 10 -28.53 14.57 8.55
N VAL A 11 -29.27 13.94 9.44
CA VAL A 11 -28.83 13.77 10.83
C VAL A 11 -28.36 12.34 11.08
N PHE A 12 -27.23 12.17 11.77
CA PHE A 12 -26.63 10.84 12.06
C PHE A 12 -26.39 10.58 13.56
N ALA A 13 -26.87 9.48 14.10
CA ALA A 13 -26.66 9.19 15.52
C ALA A 13 -25.17 9.13 15.87
N ASN A 14 -24.34 8.64 14.93
CA ASN A 14 -22.91 8.45 15.23
C ASN A 14 -22.17 8.36 13.91
N PRO A 15 -20.82 8.38 13.91
CA PRO A 15 -20.14 8.53 12.61
C PRO A 15 -19.91 7.22 11.89
N PHE A 16 -20.35 6.13 12.50
CA PHE A 16 -20.13 4.77 11.96
C PHE A 16 -21.15 4.21 10.99
N MET A 17 -20.57 3.54 9.99
CA MET A 17 -21.27 2.75 9.00
C MET A 17 -20.44 1.58 8.49
N ASN A 18 -21.10 0.65 7.81
CA ASN A 18 -20.42 -0.42 7.11
C ASN A 18 -19.63 0.21 5.96
N ALA A 19 -18.61 -0.50 5.45
CA ALA A 19 -18.01 -0.11 4.15
C ALA A 19 -18.77 -0.80 3.01
N ALA A 20 -18.78 -0.23 1.84
CA ALA A 20 -19.48 -0.84 0.73
C ALA A 20 -18.84 -2.21 0.52
N GLY A 21 -19.72 -3.20 0.35
CA GLY A 21 -19.30 -4.54 0.05
C GLY A 21 -19.54 -5.43 1.26
N VAL A 22 -19.52 -4.88 2.49
CA VAL A 22 -19.59 -5.68 3.68
C VAL A 22 -21.04 -5.56 4.22
N LEU A 23 -21.70 -6.69 4.33
CA LEU A 23 -23.00 -6.78 5.01
C LEU A 23 -23.95 -5.75 4.47
N CYS A 24 -24.07 -5.78 3.17
CA CYS A 24 -24.94 -4.89 2.42
C CYS A 24 -25.36 -5.42 1.04
N SER A 25 -25.34 -6.72 0.81
CA SER A 25 -25.59 -7.24 -0.55
C SER A 25 -27.08 -7.59 -0.82
N THR A 26 -27.75 -8.12 0.20
CA THR A 26 -29.07 -8.64 0.10
C THR A 26 -30.01 -7.78 0.92
N GLU A 27 -31.31 -8.04 0.78
CA GLU A 27 -32.27 -7.38 1.65
C GLU A 27 -32.03 -7.74 3.16
N GLU A 28 -31.65 -8.98 3.40
CA GLU A 28 -31.43 -9.47 4.76
C GLU A 28 -30.30 -8.64 5.35
N ASP A 29 -29.25 -8.40 4.55
CA ASP A 29 -28.03 -7.68 5.02
C ASP A 29 -28.34 -6.23 5.43
N LEU A 30 -29.07 -5.57 4.54
CA LEU A 30 -29.47 -4.19 4.71
C LEU A 30 -30.41 -4.03 5.90
N ARG A 31 -31.39 -4.91 6.07
CA ARG A 31 -32.21 -4.80 7.26
C ARG A 31 -31.33 -4.99 8.48
N CYS A 32 -30.37 -5.90 8.40
CA CYS A 32 -29.43 -6.14 9.54
C CYS A 32 -28.65 -4.88 9.87
N MET A 33 -28.04 -4.24 8.87
CA MET A 33 -27.34 -2.98 9.13
C MET A 33 -28.36 -1.93 9.69
N THR A 34 -29.53 -1.86 9.09
CA THR A 34 -30.51 -0.87 9.53
C THR A 34 -30.87 -1.07 10.98
N ALA A 35 -31.01 -2.32 11.41
CA ALA A 35 -31.31 -2.63 12.83
C ALA A 35 -30.10 -2.52 13.78
N SER A 36 -28.90 -2.39 13.24
CA SER A 36 -27.69 -2.14 14.01
C SER A 36 -27.65 -0.69 14.57
N SER A 37 -26.72 -0.44 15.49
CA SER A 37 -26.57 0.93 16.01
C SER A 37 -25.64 1.75 15.15
N SER A 38 -25.27 1.22 13.99
CA SER A 38 -24.58 2.10 13.03
C SER A 38 -25.33 3.41 12.83
N GLY A 39 -24.57 4.48 12.64
CA GLY A 39 -25.17 5.77 12.32
C GLY A 39 -25.74 5.87 10.92
N ALA A 40 -25.33 4.98 10.04
CA ALA A 40 -25.80 4.94 8.64
C ALA A 40 -25.42 3.58 8.08
N LEU A 41 -25.72 3.37 6.80
CA LEU A 41 -25.35 2.20 6.08
C LEU A 41 -25.17 2.56 4.62
N VAL A 42 -24.41 1.73 3.89
CA VAL A 42 -24.23 1.87 2.46
C VAL A 42 -24.51 0.51 1.80
N SER A 43 -25.25 0.56 0.68
CA SER A 43 -25.61 -0.65 -0.10
C SER A 43 -24.46 -1.11 -0.98
N LYS A 44 -24.35 -2.41 -1.27
CA LYS A 44 -23.27 -2.95 -2.10
C LYS A 44 -23.17 -2.29 -3.45
N SER A 45 -21.95 -1.91 -3.82
CA SER A 45 -21.62 -1.31 -5.11
C SER A 45 -22.30 -2.16 -6.17
N CYS A 46 -23.10 -1.53 -7.00
CA CYS A 46 -23.89 -2.26 -7.97
C CYS A 46 -23.58 -1.92 -9.44
N THR A 47 -23.90 -2.90 -10.28
CA THR A 47 -23.91 -2.75 -11.74
C THR A 47 -25.36 -2.74 -12.22
N SER A 48 -25.52 -2.38 -13.46
CA SER A 48 -26.82 -2.46 -14.16
C SER A 48 -27.46 -3.86 -14.09
N ALA A 49 -26.69 -4.88 -14.48
CA ALA A 49 -27.14 -6.25 -14.49
C ALA A 49 -26.64 -6.95 -13.23
N PRO A 50 -27.44 -7.90 -12.69
CA PRO A 50 -26.96 -8.68 -11.52
C PRO A 50 -25.67 -9.43 -11.89
N ARG A 51 -24.81 -9.70 -10.90
CA ARG A 51 -23.51 -10.32 -11.14
C ARG A 51 -23.28 -11.40 -10.10
N ASP A 52 -22.75 -12.56 -10.54
CA ASP A 52 -22.42 -13.68 -9.66
C ASP A 52 -21.12 -13.38 -8.92
N GLY A 53 -20.25 -12.64 -9.57
CA GLY A 53 -18.92 -12.43 -9.12
C GLY A 53 -18.01 -13.55 -9.47
N ASN A 54 -16.85 -13.56 -8.84
CA ASN A 54 -15.80 -14.53 -9.15
C ASN A 54 -15.95 -15.84 -8.34
N PRO A 55 -15.17 -16.88 -8.71
CA PRO A 55 -15.25 -18.18 -8.02
C PRO A 55 -14.65 -18.18 -6.63
N GLU A 56 -15.21 -18.97 -5.74
CA GLU A 56 -14.74 -19.05 -4.36
C GLU A 56 -13.66 -20.09 -4.26
N PRO A 57 -12.79 -19.98 -3.25
CA PRO A 57 -12.69 -18.90 -2.28
C PRO A 57 -12.20 -17.55 -2.89
N ARG A 58 -12.74 -16.46 -2.37
CA ARG A 58 -12.58 -15.13 -2.96
C ARG A 58 -12.43 -13.96 -1.91
N TYR A 59 -12.76 -14.26 -0.66
CA TYR A 59 -12.43 -13.44 0.46
C TYR A 59 -11.78 -14.31 1.48
N MET A 60 -10.72 -13.82 2.13
CA MET A 60 -10.14 -14.47 3.32
C MET A 60 -9.60 -13.42 4.28
N ALA A 61 -9.67 -13.79 5.56
CA ALA A 61 -9.27 -12.94 6.69
C ALA A 61 -8.34 -13.68 7.65
N PHE A 62 -7.58 -12.92 8.41
CA PHE A 62 -6.39 -13.35 9.13
C PHE A 62 -6.23 -12.28 10.22
N PRO A 63 -5.36 -12.49 11.24
CA PRO A 63 -5.27 -11.52 12.33
C PRO A 63 -4.97 -10.09 11.85
N LEU A 64 -4.20 -9.92 10.79
CA LEU A 64 -3.84 -8.57 10.38
C LEU A 64 -4.76 -7.96 9.29
N GLY A 65 -5.75 -8.73 8.85
CA GLY A 65 -6.69 -8.25 7.88
C GLY A 65 -7.14 -9.26 6.87
N SER A 66 -7.43 -8.76 5.64
CA SER A 66 -8.15 -9.52 4.62
C SER A 66 -7.69 -9.26 3.20
N ILE A 67 -8.06 -10.22 2.35
CA ILE A 67 -7.75 -10.17 0.92
C ILE A 67 -8.99 -10.60 0.21
N ASN A 68 -9.29 -9.90 -0.89
CA ASN A 68 -10.47 -10.16 -1.65
C ASN A 68 -10.35 -9.80 -3.15
N SER A 69 -10.84 -10.77 -3.93
CA SER A 69 -11.08 -10.57 -5.34
C SER A 69 -12.48 -11.13 -5.68
N MET A 70 -13.47 -10.40 -5.20
CA MET A 70 -14.90 -10.86 -5.29
C MET A 70 -15.45 -10.76 -6.74
N GLY A 71 -15.03 -9.82 -7.53
CA GLY A 71 -15.58 -9.74 -8.88
C GLY A 71 -16.97 -9.12 -8.92
N LEU A 72 -17.17 -8.20 -7.98
CA LEU A 72 -18.37 -7.38 -7.92
C LEU A 72 -19.71 -8.16 -8.10
N PRO A 73 -19.94 -9.11 -7.21
CA PRO A 73 -21.22 -9.79 -7.12
C PRO A 73 -22.22 -8.82 -6.54
N ASN A 74 -23.41 -8.76 -7.12
CA ASN A 74 -24.40 -7.86 -6.58
C ASN A 74 -25.73 -8.25 -7.22
N LEU A 75 -26.83 -7.74 -6.71
CA LEU A 75 -28.14 -8.16 -7.15
C LEU A 75 -28.63 -7.27 -8.26
N GLY A 76 -27.82 -6.30 -8.66
CA GLY A 76 -28.17 -5.34 -9.73
C GLY A 76 -28.83 -4.07 -9.25
N PHE A 77 -28.67 -3.02 -10.01
CA PHE A 77 -29.18 -1.73 -9.68
C PHE A 77 -30.67 -1.68 -9.35
N ASP A 78 -31.51 -2.39 -10.10
CA ASP A 78 -32.94 -2.33 -9.83
C ASP A 78 -33.27 -2.77 -8.41
N PHE A 79 -32.55 -3.78 -7.92
CA PHE A 79 -32.77 -4.18 -6.54
C PHE A 79 -32.40 -3.07 -5.56
N TYR A 80 -31.24 -2.42 -5.71
CA TYR A 80 -30.82 -1.40 -4.68
C TYR A 80 -31.64 -0.14 -4.73
N LEU A 81 -31.93 0.31 -5.95
CA LEU A 81 -32.91 1.38 -6.18
C LEU A 81 -34.25 1.11 -5.50
N LYS A 82 -34.76 -0.10 -5.65
CA LYS A 82 -36.06 -0.44 -5.06
C LYS A 82 -35.94 -0.49 -3.56
N TYR A 83 -34.75 -0.90 -3.06
CA TYR A 83 -34.51 -0.87 -1.61
C TYR A 83 -34.57 0.60 -1.16
N ALA A 84 -33.98 1.46 -1.95
CA ALA A 84 -33.94 2.88 -1.60
C ALA A 84 -35.34 3.52 -1.63
N SER A 85 -36.13 3.18 -2.63
CA SER A 85 -37.37 3.92 -2.88
C SER A 85 -38.50 3.36 -2.10
N ASP A 86 -38.54 2.04 -1.90
CA ASP A 86 -39.69 1.37 -1.25
C ASP A 86 -39.46 0.64 0.08
N LEU A 87 -38.25 0.16 0.35
CA LEU A 87 -38.00 -0.72 1.51
C LEU A 87 -37.33 -0.04 2.68
N HIS A 88 -36.37 0.84 2.42
CA HIS A 88 -35.59 1.41 3.52
C HIS A 88 -36.35 2.37 4.43
N ASP A 89 -36.13 2.22 5.74
CA ASP A 89 -36.76 3.07 6.72
C ASP A 89 -35.82 4.19 7.08
N TYR A 90 -35.98 5.32 6.39
CA TYR A 90 -35.20 6.54 6.67
C TYR A 90 -35.41 7.12 8.08
N SER A 91 -36.52 6.83 8.73
CA SER A 91 -36.63 7.28 10.15
C SER A 91 -35.57 6.63 11.06
N LYS A 92 -34.99 5.51 10.64
CA LYS A 92 -33.99 4.79 11.45
C LYS A 92 -32.57 5.39 11.31
N LYS A 93 -32.13 5.55 10.07
CA LYS A 93 -30.86 6.14 9.79
C LYS A 93 -30.82 6.45 8.28
N PRO A 94 -29.93 7.34 7.85
CA PRO A 94 -29.76 7.55 6.40
C PRO A 94 -29.13 6.35 5.65
N LEU A 95 -29.32 6.36 4.35
CA LEU A 95 -28.82 5.33 3.46
C LEU A 95 -27.96 5.99 2.41
N PHE A 96 -26.78 5.40 2.18
CA PHE A 96 -25.96 5.64 0.98
C PHE A 96 -26.19 4.49 0.00
N LEU A 97 -26.13 4.77 -1.29
CA LEU A 97 -26.22 3.76 -2.29
C LEU A 97 -24.96 3.91 -3.16
N SER A 98 -24.23 2.79 -3.31
CA SER A 98 -22.94 2.77 -3.98
C SER A 98 -23.14 2.20 -5.39
N ILE A 99 -22.75 2.94 -6.42
CA ILE A 99 -22.69 2.42 -7.73
C ILE A 99 -21.25 2.27 -8.23
N SER A 100 -21.04 1.18 -8.94
CA SER A 100 -19.75 0.81 -9.42
C SER A 100 -19.84 0.22 -10.81
N GLY A 101 -20.32 1.05 -11.76
CA GLY A 101 -20.49 0.66 -13.17
C GLY A 101 -19.19 0.34 -13.86
N LEU A 102 -19.25 -0.54 -14.86
CA LEU A 102 -18.04 -1.00 -15.56
C LEU A 102 -17.60 -0.06 -16.73
N SER A 103 -18.33 1.02 -16.91
CA SER A 103 -18.01 2.00 -17.95
C SER A 103 -18.70 3.29 -17.55
N VAL A 104 -18.30 4.40 -18.16
CA VAL A 104 -18.90 5.68 -17.87
C VAL A 104 -20.39 5.65 -18.21
N GLU A 105 -20.77 4.89 -19.26
CA GLU A 105 -22.18 4.84 -19.73
C GLU A 105 -23.10 4.05 -18.78
N GLU A 106 -22.61 2.92 -18.30
CA GLU A 106 -23.36 2.17 -17.28
C GLU A 106 -23.62 3.11 -16.10
N ASN A 107 -22.59 3.83 -15.67
CA ASN A 107 -22.72 4.74 -14.53
C ASN A 107 -23.74 5.89 -14.76
N VAL A 108 -23.70 6.48 -15.95
CA VAL A 108 -24.65 7.47 -16.38
C VAL A 108 -26.10 6.90 -16.35
N ALA A 109 -26.29 5.70 -16.88
CA ALA A 109 -27.65 5.12 -16.96
C ALA A 109 -28.24 4.95 -15.59
N MET A 110 -27.44 4.46 -14.65
CA MET A 110 -27.91 4.28 -13.29
C MET A 110 -28.22 5.59 -12.57
N VAL A 111 -27.28 6.54 -12.56
CA VAL A 111 -27.49 7.78 -11.77
C VAL A 111 -28.71 8.57 -12.27
N ARG A 112 -28.97 8.54 -13.57
CA ARG A 112 -30.17 9.18 -14.15
C ARG A 112 -31.41 8.67 -13.54
N ARG A 113 -31.42 7.38 -13.27
CA ARG A 113 -32.56 6.80 -12.64
C ARG A 113 -32.57 6.99 -11.16
N LEU A 114 -31.37 7.15 -10.57
CA LEU A 114 -31.24 7.36 -9.10
C LEU A 114 -31.72 8.78 -8.69
N ALA A 115 -31.56 9.73 -9.59
CA ALA A 115 -31.81 11.13 -9.27
C ALA A 115 -33.15 11.37 -8.58
N PRO A 116 -34.27 11.01 -9.22
CA PRO A 116 -35.58 11.33 -8.61
C PRO A 116 -35.77 10.71 -7.23
N VAL A 117 -35.23 9.52 -7.06
CA VAL A 117 -35.34 8.84 -5.74
C VAL A 117 -34.48 9.56 -4.71
N ALA A 118 -33.29 10.00 -5.10
CA ALA A 118 -32.40 10.76 -4.21
C ALA A 118 -33.08 12.03 -3.70
N GLN A 119 -33.58 12.81 -4.64
CA GLN A 119 -34.34 14.03 -4.34
C GLN A 119 -35.50 13.82 -3.38
N GLU A 120 -36.31 12.81 -3.65
CA GLU A 120 -37.52 12.57 -2.93
C GLU A 120 -37.35 11.76 -1.60
N LYS A 121 -36.48 10.74 -1.59
CA LYS A 121 -36.27 9.96 -0.35
C LYS A 121 -35.04 10.38 0.43
N GLY A 122 -34.07 10.99 -0.24
CA GLY A 122 -32.88 11.47 0.43
C GLY A 122 -31.72 10.47 0.50
N VAL A 123 -31.78 9.40 -0.29
CA VAL A 123 -30.65 8.45 -0.42
C VAL A 123 -29.46 9.18 -1.02
N LEU A 124 -28.25 8.84 -0.56
CA LEU A 124 -27.03 9.55 -0.91
C LEU A 124 -26.13 8.67 -1.78
N LEU A 125 -25.65 9.21 -2.89
CA LEU A 125 -24.86 8.43 -3.85
C LEU A 125 -23.38 8.40 -3.50
N GLU A 126 -22.78 7.19 -3.47
CA GLU A 126 -21.33 7.03 -3.42
C GLU A 126 -20.94 6.38 -4.75
N LEU A 127 -20.22 7.13 -5.57
CA LEU A 127 -19.78 6.62 -6.83
C LEU A 127 -18.40 5.96 -6.66
N ASN A 128 -18.28 4.70 -7.04
CA ASN A 128 -17.04 4.00 -6.88
C ASN A 128 -16.12 4.20 -8.03
N LEU A 129 -14.99 4.86 -7.75
CA LEU A 129 -13.91 5.15 -8.71
C LEU A 129 -12.77 4.14 -8.75
N SER A 130 -12.81 3.16 -7.86
CA SER A 130 -11.96 2.01 -8.02
C SER A 130 -12.30 1.14 -9.20
N CYS A 131 -13.50 1.19 -9.71
CA CYS A 131 -13.85 0.22 -10.71
C CYS A 131 -12.71 0.11 -11.77
N PRO A 132 -12.40 -1.11 -12.22
CA PRO A 132 -11.75 -1.17 -13.53
C PRO A 132 -12.63 -0.54 -14.57
N ASN A 133 -12.03 -0.12 -15.67
CA ASN A 133 -12.75 0.35 -16.84
C ASN A 133 -12.34 -0.66 -17.93
N VAL A 134 -11.46 -0.29 -18.86
CA VAL A 134 -11.00 -1.26 -19.86
C VAL A 134 -9.84 -2.11 -19.27
N PRO A 135 -9.92 -3.45 -19.37
CA PRO A 135 -8.75 -4.20 -18.86
C PRO A 135 -7.43 -3.84 -19.58
N GLY A 136 -6.35 -3.73 -18.81
CA GLY A 136 -5.05 -3.25 -19.31
C GLY A 136 -4.81 -1.77 -19.10
N LYS A 137 -5.85 -1.04 -18.77
CA LYS A 137 -5.68 0.28 -18.25
C LYS A 137 -5.80 0.14 -16.75
N PRO A 138 -5.22 1.10 -16.01
CA PRO A 138 -5.37 0.98 -14.56
C PRO A 138 -6.82 1.29 -14.14
N GLN A 139 -7.19 0.95 -12.92
CA GLN A 139 -8.49 1.36 -12.44
C GLN A 139 -8.76 2.88 -12.64
N VAL A 140 -10.03 3.25 -12.62
CA VAL A 140 -10.45 4.60 -13.08
C VAL A 140 -9.75 5.73 -12.29
N ALA A 141 -9.62 5.58 -10.97
CA ALA A 141 -9.03 6.67 -10.15
C ALA A 141 -7.48 6.74 -10.24
N TYR A 142 -6.84 5.74 -10.86
CA TYR A 142 -5.44 5.79 -11.16
C TYR A 142 -5.17 6.26 -12.58
N ASP A 143 -6.21 6.82 -13.22
CA ASP A 143 -6.14 7.29 -14.63
C ASP A 143 -6.94 8.61 -14.69
N PHE A 144 -6.24 9.71 -14.50
CA PHE A 144 -6.93 10.95 -14.06
C PHE A 144 -7.83 11.50 -15.13
N GLU A 145 -7.50 11.22 -16.39
CA GLU A 145 -8.38 11.65 -17.51
C GLU A 145 -9.70 10.82 -17.58
N ALA A 146 -9.60 9.51 -17.31
CA ALA A 146 -10.78 8.71 -17.17
C ALA A 146 -11.65 9.17 -15.97
N MET A 147 -11.00 9.49 -14.86
CA MET A 147 -11.69 9.94 -13.66
C MET A 147 -12.32 11.28 -13.97
N ARG A 148 -11.60 12.17 -14.65
CA ARG A 148 -12.24 13.41 -15.12
C ARG A 148 -13.49 13.15 -15.96
N THR A 149 -13.34 12.25 -16.92
CA THR A 149 -14.47 11.93 -17.78
C THR A 149 -15.67 11.44 -16.96
N TYR A 150 -15.42 10.47 -16.10
CA TYR A 150 -16.51 9.92 -15.30
C TYR A 150 -17.25 10.96 -14.43
N LEU A 151 -16.54 11.97 -13.90
CA LEU A 151 -17.18 13.00 -13.00
C LEU A 151 -17.94 14.10 -13.75
N GLN A 152 -17.49 14.42 -14.94
CA GLN A 152 -18.24 15.35 -15.78
C GLN A 152 -19.59 14.72 -16.15
N GLN A 153 -19.53 13.54 -16.73
CA GLN A 153 -20.72 12.78 -17.15
C GLN A 153 -21.70 12.44 -16.05
N VAL A 154 -21.18 11.97 -14.90
CA VAL A 154 -22.06 11.70 -13.74
C VAL A 154 -22.62 12.97 -13.10
N SER A 155 -21.76 13.98 -12.90
CA SER A 155 -22.22 15.30 -12.46
C SER A 155 -23.35 15.77 -13.38
N LEU A 156 -23.11 15.71 -14.69
CA LEU A 156 -24.15 16.08 -15.70
C LEU A 156 -25.43 15.23 -15.61
N ALA A 157 -25.28 13.91 -15.53
CA ALA A 157 -26.44 13.02 -15.52
C ALA A 157 -27.25 13.09 -14.24
N TYR A 158 -26.62 13.47 -13.12
CA TYR A 158 -27.25 13.31 -11.79
C TYR A 158 -27.65 14.66 -11.20
N GLY A 159 -26.81 15.67 -11.35
CA GLY A 159 -27.20 17.05 -10.99
C GLY A 159 -27.59 17.19 -9.53
N LEU A 160 -27.10 16.28 -8.69
CA LEU A 160 -27.31 16.40 -7.26
C LEU A 160 -25.99 16.15 -6.54
N PRO A 161 -25.89 16.62 -5.30
CA PRO A 161 -24.74 16.31 -4.46
C PRO A 161 -24.48 14.78 -4.38
N PHE A 162 -23.28 14.32 -4.71
CA PHE A 162 -22.88 12.92 -4.49
C PHE A 162 -21.46 12.85 -3.91
N GLY A 163 -21.06 11.65 -3.49
CA GLY A 163 -19.67 11.39 -3.09
C GLY A 163 -19.01 10.26 -3.88
N VAL A 164 -17.74 10.06 -3.59
CA VAL A 164 -16.92 9.26 -4.40
C VAL A 164 -16.02 8.38 -3.51
N LYS A 165 -15.81 7.13 -3.90
CA LYS A 165 -14.92 6.19 -3.17
C LYS A 165 -13.58 6.03 -3.91
N MET A 166 -12.50 6.45 -3.26
CA MET A 166 -11.18 6.57 -3.83
C MET A 166 -10.29 5.40 -3.40
N PRO A 167 -9.46 4.90 -4.33
CA PRO A 167 -8.42 3.94 -3.99
C PRO A 167 -7.34 4.71 -3.30
N PRO A 168 -6.46 4.03 -2.53
CA PRO A 168 -5.39 4.80 -1.90
C PRO A 168 -4.38 5.31 -2.91
N TYR A 169 -3.73 6.43 -2.63
CA TYR A 169 -2.53 6.84 -3.38
C TYR A 169 -1.30 6.85 -2.46
N PHE A 170 -0.14 6.75 -3.06
CA PHE A 170 1.12 6.53 -2.30
C PHE A 170 2.21 7.52 -2.58
N ASP A 171 1.92 8.53 -3.43
CA ASP A 171 2.86 9.52 -3.97
C ASP A 171 2.22 10.92 -3.81
N ILE A 172 3.03 11.93 -3.43
CA ILE A 172 2.54 13.29 -3.14
C ILE A 172 1.98 14.00 -4.41
N ALA A 173 2.62 13.79 -5.56
CA ALA A 173 2.11 14.38 -6.78
C ALA A 173 0.71 13.81 -7.13
N HIS A 174 0.49 12.54 -6.81
CA HIS A 174 -0.83 11.90 -7.04
C HIS A 174 -1.95 12.40 -6.13
N PHE A 175 -1.64 12.67 -4.87
CA PHE A 175 -2.58 13.31 -4.00
C PHE A 175 -2.96 14.69 -4.60
N ASP A 176 -1.96 15.39 -5.11
CA ASP A 176 -2.15 16.76 -5.63
C ASP A 176 -3.03 16.72 -6.85
N THR A 177 -2.67 15.91 -7.83
CA THR A 177 -3.47 15.77 -9.08
C THR A 177 -4.95 15.33 -8.84
N ALA A 178 -5.11 14.16 -8.23
CA ALA A 178 -6.40 13.61 -7.88
C ALA A 178 -7.28 14.60 -7.13
N ALA A 179 -6.72 15.32 -6.17
CA ALA A 179 -7.54 16.30 -5.46
C ALA A 179 -7.89 17.51 -6.36
N ALA A 180 -6.98 17.92 -7.22
CA ALA A 180 -7.25 19.00 -8.17
C ALA A 180 -8.44 18.61 -9.05
N VAL A 181 -8.47 17.34 -9.48
CA VAL A 181 -9.56 16.83 -10.30
C VAL A 181 -10.92 16.81 -9.57
N LEU A 182 -10.93 16.28 -8.36
CA LEU A 182 -12.11 16.31 -7.54
C LEU A 182 -12.62 17.73 -7.23
N ASN A 183 -11.69 18.65 -7.02
CA ASN A 183 -12.05 20.07 -6.75
C ASN A 183 -12.67 20.80 -7.97
N GLU A 184 -12.50 20.25 -9.16
CA GLU A 184 -13.23 20.73 -10.34
C GLU A 184 -14.73 20.50 -10.29
N PHE A 185 -15.22 19.68 -9.36
CA PHE A 185 -16.60 19.20 -9.43
C PHE A 185 -17.36 19.52 -8.18
N PRO A 186 -18.13 20.62 -8.21
CA PRO A 186 -18.80 21.09 -7.01
C PRO A 186 -19.82 20.15 -6.45
N LEU A 187 -20.35 19.25 -7.25
CA LEU A 187 -21.42 18.41 -6.71
C LEU A 187 -20.84 17.22 -5.90
N VAL A 188 -19.55 16.92 -6.08
CA VAL A 188 -18.86 15.94 -5.22
C VAL A 188 -18.72 16.53 -3.79
N LYS A 189 -19.66 16.27 -2.92
CA LYS A 189 -19.63 16.82 -1.56
C LYS A 189 -18.88 16.00 -0.55
N PHE A 190 -18.55 14.75 -0.85
CA PHE A 190 -17.76 13.97 0.13
C PHE A 190 -16.81 13.05 -0.61
N VAL A 191 -15.71 12.69 0.06
CA VAL A 191 -14.70 11.77 -0.49
C VAL A 191 -14.35 10.71 0.55
N THR A 192 -14.50 9.46 0.11
CA THR A 192 -14.21 8.30 0.90
C THR A 192 -12.86 7.70 0.51
N CYS A 193 -12.00 7.73 1.52
CA CYS A 193 -10.63 7.31 1.43
C CYS A 193 -10.55 6.26 2.54
N VAL A 194 -10.35 4.97 2.23
CA VAL A 194 -9.96 4.48 0.95
C VAL A 194 -10.58 3.17 0.67
N ASN A 195 -10.49 2.77 -0.60
CA ASN A 195 -10.80 1.39 -1.02
C ASN A 195 -9.60 0.52 -0.69
N SER A 196 -9.65 -0.77 -1.06
CA SER A 196 -8.60 -1.68 -0.70
C SER A 196 -7.24 -1.27 -1.20
N VAL A 197 -6.22 -1.65 -0.44
CA VAL A 197 -4.85 -1.64 -0.95
C VAL A 197 -4.75 -2.73 -2.06
N GLY A 198 -4.72 -2.21 -3.31
CA GLY A 198 -4.75 -2.99 -4.53
C GLY A 198 -3.72 -4.08 -4.69
N ASN A 199 -4.22 -5.27 -5.08
CA ASN A 199 -3.41 -6.42 -5.50
C ASN A 199 -2.23 -6.85 -4.66
N GLY A 200 -2.50 -7.15 -3.38
CA GLY A 200 -1.54 -7.80 -2.57
C GLY A 200 -1.74 -9.27 -2.84
N LEU A 201 -0.94 -10.09 -2.16
CA LEU A 201 -0.85 -11.50 -2.37
C LEU A 201 -0.61 -12.20 -0.97
N VAL A 202 -1.61 -12.88 -0.41
CA VAL A 202 -1.38 -13.72 0.83
C VAL A 202 -1.00 -15.17 0.49
N ILE A 203 0.13 -15.62 0.95
CA ILE A 203 0.53 -17.01 0.74
C ILE A 203 0.49 -17.75 2.07
N ASP A 204 -0.08 -18.95 2.11
CA ASP A 204 -0.18 -19.79 3.32
C ASP A 204 1.08 -20.70 3.39
N ALA A 205 1.87 -20.60 4.45
CA ALA A 205 3.14 -21.35 4.52
C ALA A 205 3.00 -22.85 4.48
N GLU A 206 2.03 -23.41 5.19
CA GLU A 206 1.88 -24.87 5.33
C GLU A 206 1.49 -25.48 4.00
N SER A 207 0.50 -24.89 3.35
CA SER A 207 0.04 -25.37 2.04
C SER A 207 0.89 -24.89 0.83
N GLU A 208 1.74 -23.90 1.05
CA GLU A 208 2.56 -23.30 -0.04
C GLU A 208 1.70 -22.76 -1.16
N SER A 209 0.49 -22.35 -0.77
CA SER A 209 -0.58 -21.96 -1.68
C SER A 209 -1.08 -20.55 -1.37
N VAL A 210 -1.41 -19.81 -2.40
CA VAL A 210 -2.23 -18.62 -2.30
C VAL A 210 -3.61 -18.98 -1.73
N VAL A 211 -4.35 -18.01 -1.17
CA VAL A 211 -5.58 -18.35 -0.40
C VAL A 211 -6.91 -17.96 -1.07
N ILE A 212 -6.82 -17.30 -2.24
CA ILE A 212 -7.99 -16.95 -2.96
C ILE A 212 -7.74 -17.33 -4.41
N LYS A 213 -8.78 -17.80 -5.04
CA LYS A 213 -8.70 -18.48 -6.30
C LYS A 213 -8.61 -17.52 -7.49
N PRO A 214 -9.40 -16.41 -7.51
CA PRO A 214 -9.27 -15.58 -8.71
C PRO A 214 -7.89 -14.89 -8.76
N LYS A 215 -7.46 -14.54 -9.98
CA LYS A 215 -6.31 -13.64 -10.16
C LYS A 215 -5.01 -14.19 -9.55
N GLN A 216 -4.82 -15.48 -9.67
CA GLN A 216 -3.66 -16.17 -9.16
C GLN A 216 -3.37 -15.82 -7.69
N GLY A 217 -4.41 -15.42 -6.96
CA GLY A 217 -4.25 -15.19 -5.57
C GLY A 217 -4.17 -13.75 -5.20
N PHE A 218 -4.04 -12.87 -6.21
CA PHE A 218 -3.86 -11.43 -5.99
C PHE A 218 -5.22 -10.79 -5.62
N GLY A 219 -5.24 -9.86 -4.67
CA GLY A 219 -6.47 -9.20 -4.28
C GLY A 219 -6.28 -7.97 -3.46
N GLY A 220 -7.41 -7.31 -3.15
CA GLY A 220 -7.35 -6.14 -2.34
C GLY A 220 -7.22 -6.43 -0.87
N LEU A 221 -6.50 -5.53 -0.20
CA LEU A 221 -6.08 -5.67 1.17
C LEU A 221 -6.89 -4.72 2.07
N GLY A 222 -7.50 -5.27 3.10
CA GLY A 222 -8.13 -4.43 4.08
C GLY A 222 -7.59 -4.79 5.47
N GLY A 223 -7.91 -3.95 6.44
CA GLY A 223 -7.75 -4.30 7.84
C GLY A 223 -6.52 -3.63 8.38
N LYS A 224 -5.90 -4.30 9.36
CA LYS A 224 -4.80 -3.71 10.11
C LYS A 224 -3.62 -3.37 9.18
N TYR A 225 -3.46 -4.13 8.09
CA TYR A 225 -2.41 -3.85 7.13
C TYR A 225 -2.51 -2.45 6.62
N ILE A 226 -3.68 -1.84 6.67
CA ILE A 226 -3.82 -0.62 5.85
C ILE A 226 -4.15 0.73 6.56
N LEU A 227 -4.23 0.69 7.90
CA LEU A 227 -4.63 1.87 8.62
C LEU A 227 -3.80 3.14 8.31
N PRO A 228 -2.47 3.03 8.33
CA PRO A 228 -1.65 4.21 8.12
C PRO A 228 -1.83 4.78 6.78
N THR A 229 -1.94 3.90 5.79
CA THR A 229 -2.24 4.26 4.40
C THR A 229 -3.59 4.99 4.34
N ALA A 230 -4.56 4.48 5.12
CA ALA A 230 -5.93 5.04 5.11
C ALA A 230 -5.92 6.43 5.78
N LEU A 231 -5.18 6.57 6.89
CA LEU A 231 -5.03 7.84 7.57
C LEU A 231 -4.27 8.87 6.68
N ALA A 232 -3.25 8.46 5.98
CA ALA A 232 -2.57 9.42 5.13
C ALA A 232 -3.49 10.03 3.99
N ASN A 233 -4.32 9.20 3.41
CA ASN A 233 -5.21 9.60 2.35
C ASN A 233 -6.35 10.49 2.86
N VAL A 234 -6.97 10.07 4.00
CA VAL A 234 -7.97 10.85 4.66
C VAL A 234 -7.42 12.28 4.89
N ASN A 235 -6.19 12.35 5.37
CA ASN A 235 -5.63 13.63 5.74
C ASN A 235 -5.11 14.47 4.56
N ALA A 236 -4.55 13.78 3.57
CA ALA A 236 -4.16 14.40 2.33
C ALA A 236 -5.35 15.13 1.64
N PHE A 237 -6.48 14.42 1.51
CA PHE A 237 -7.68 15.01 0.93
C PHE A 237 -8.36 15.99 1.87
N TYR A 238 -8.35 15.76 3.18
CA TYR A 238 -8.92 16.70 4.10
C TYR A 238 -8.23 18.01 3.96
N ARG A 239 -6.91 17.97 3.83
CA ARG A 239 -6.13 19.18 3.64
C ARG A 239 -6.33 19.87 2.27
N ARG A 240 -6.41 19.14 1.17
CA ARG A 240 -6.53 19.71 -0.20
C ARG A 240 -7.95 19.94 -0.71
N CYS A 241 -8.97 19.41 -0.04
CA CYS A 241 -10.37 19.66 -0.44
C CYS A 241 -11.16 20.36 0.65
N PRO A 242 -10.87 21.66 0.90
CA PRO A 242 -11.48 22.32 2.03
C PRO A 242 -13.00 22.43 1.93
N ASP A 243 -13.55 22.41 0.72
CA ASP A 243 -15.02 22.50 0.54
C ASP A 243 -15.74 21.13 0.50
N LYS A 244 -15.04 20.05 0.81
CA LYS A 244 -15.67 18.74 0.77
C LYS A 244 -15.50 18.07 2.07
N LEU A 245 -16.34 17.08 2.30
CA LEU A 245 -16.23 16.21 3.45
C LEU A 245 -15.34 15.04 3.05
N VAL A 246 -14.60 14.49 4.03
CA VAL A 246 -13.89 13.25 3.82
C VAL A 246 -14.48 12.26 4.79
N PHE A 247 -14.78 11.06 4.25
CA PHE A 247 -15.20 9.89 4.99
C PHE A 247 -13.96 8.98 5.05
N GLY A 248 -13.71 8.44 6.24
CA GLY A 248 -12.53 7.62 6.42
C GLY A 248 -12.93 6.19 6.30
N CYS A 249 -12.06 5.38 5.71
CA CYS A 249 -12.32 3.94 5.66
C CYS A 249 -10.94 3.28 5.54
N GLY A 250 -10.65 2.25 6.36
CA GLY A 250 -9.29 1.70 6.37
C GLY A 250 -8.83 1.25 7.73
N GLY A 251 -8.81 -0.05 7.90
CA GLY A 251 -8.35 -0.64 9.17
C GLY A 251 -8.95 -0.20 10.49
N VAL A 252 -10.22 0.15 10.53
CA VAL A 252 -10.90 0.41 11.77
C VAL A 252 -11.33 -0.88 12.51
N TYR A 253 -10.69 -1.15 13.65
CA TYR A 253 -11.18 -2.21 14.59
C TYR A 253 -11.66 -1.76 15.98
N SER A 254 -11.61 -0.47 16.26
CA SER A 254 -11.56 0.01 17.63
C SER A 254 -11.90 1.50 17.65
N GLY A 255 -12.47 1.95 18.73
CA GLY A 255 -12.78 3.40 18.88
C GLY A 255 -11.51 4.21 18.70
N GLU A 256 -10.37 3.65 19.14
CA GLU A 256 -9.10 4.35 18.98
C GLU A 256 -8.83 4.57 17.48
N ASP A 257 -9.03 3.58 16.61
CA ASP A 257 -8.74 3.75 15.10
C ASP A 257 -9.72 4.76 14.52
N ALA A 258 -10.93 4.71 15.00
CA ALA A 258 -11.96 5.73 14.64
C ALA A 258 -11.51 7.10 15.12
N PHE A 259 -11.02 7.16 16.35
CA PHE A 259 -10.44 8.42 16.86
C PHE A 259 -9.36 8.96 15.94
N LEU A 260 -8.41 8.14 15.52
CA LEU A 260 -7.33 8.68 14.63
C LEU A 260 -7.84 9.12 13.23
N HIS A 261 -8.80 8.35 12.72
CA HIS A 261 -9.40 8.70 11.42
C HIS A 261 -10.00 10.11 11.51
N ILE A 262 -10.69 10.36 12.62
CA ILE A 262 -11.35 11.62 12.83
C ILE A 262 -10.29 12.74 13.02
N LEU A 263 -9.30 12.57 13.91
CA LEU A 263 -8.18 13.55 13.98
C LEU A 263 -7.58 13.82 12.64
N ALA A 264 -7.55 12.83 11.79
CA ALA A 264 -7.05 12.99 10.45
C ALA A 264 -7.97 13.82 9.57
N GLY A 265 -9.26 13.89 9.96
CA GLY A 265 -10.23 14.72 9.30
C GLY A 265 -11.51 14.01 8.81
N ALA A 266 -11.68 12.73 9.17
CA ALA A 266 -12.87 11.99 8.85
C ALA A 266 -14.17 12.50 9.47
N SER A 267 -15.23 12.55 8.66
CA SER A 267 -16.59 12.88 9.12
C SER A 267 -17.34 11.60 9.42
N MET A 268 -17.54 10.73 8.44
CA MET A 268 -18.04 9.39 8.70
C MET A 268 -16.86 8.38 8.75
N VAL A 269 -17.05 7.28 9.49
CA VAL A 269 -16.05 6.28 9.69
C VAL A 269 -16.68 4.92 9.28
N GLN A 270 -16.13 4.33 8.22
CA GLN A 270 -16.61 3.08 7.68
C GLN A 270 -15.80 1.90 8.18
N VAL A 271 -16.50 0.79 8.34
CA VAL A 271 -15.91 -0.43 8.82
C VAL A 271 -16.15 -1.55 7.79
N GLY A 272 -15.08 -2.13 7.27
CA GLY A 272 -15.16 -3.18 6.29
C GLY A 272 -14.79 -4.47 7.03
N THR A 273 -13.51 -4.83 6.94
CA THR A 273 -12.98 -6.09 7.40
C THR A 273 -13.38 -6.41 8.81
N ALA A 274 -13.39 -5.46 9.70
CA ALA A 274 -13.57 -5.81 11.11
C ALA A 274 -15.02 -6.07 11.32
N LEU A 275 -15.85 -5.43 10.51
CA LEU A 275 -17.30 -5.70 10.52
C LEU A 275 -17.63 -7.10 9.93
N GLN A 276 -17.00 -7.44 8.82
CA GLN A 276 -17.05 -8.83 8.33
C GLN A 276 -16.66 -9.88 9.40
N GLU A 277 -15.64 -9.58 10.19
CA GLU A 277 -15.02 -10.59 11.08
C GLU A 277 -15.82 -10.71 12.30
N GLU A 278 -16.25 -9.60 12.85
CA GLU A 278 -16.90 -9.50 14.09
C GLU A 278 -18.43 -9.49 14.03
N GLY A 279 -19.01 -8.86 13.01
CA GLY A 279 -20.49 -8.84 12.89
C GLY A 279 -20.95 -7.49 13.39
N PRO A 280 -22.27 -7.21 13.24
CA PRO A 280 -22.71 -5.82 13.43
C PRO A 280 -22.76 -5.31 14.86
N GLY A 281 -22.66 -6.20 15.86
CA GLY A 281 -22.51 -5.78 17.27
C GLY A 281 -21.25 -4.96 17.48
N ILE A 282 -20.45 -4.80 16.42
CA ILE A 282 -19.19 -4.09 16.52
C ILE A 282 -19.40 -2.59 16.77
N PHE A 283 -20.54 -2.11 16.26
CA PHE A 283 -20.84 -0.72 16.25
C PHE A 283 -21.12 -0.22 17.67
N THR A 284 -21.81 -1.00 18.50
CA THR A 284 -21.91 -0.58 19.94
C THR A 284 -20.54 -0.47 20.62
N ARG A 285 -19.62 -1.36 20.26
CA ARG A 285 -18.26 -1.33 20.87
C ARG A 285 -17.51 -0.16 20.39
N LEU A 286 -17.56 0.05 19.09
CA LEU A 286 -16.89 1.24 18.56
C LEU A 286 -17.44 2.57 19.14
N GLU A 287 -18.71 2.60 19.45
CA GLU A 287 -19.29 3.82 20.02
C GLU A 287 -18.80 4.04 21.43
N ASP A 288 -18.96 3.05 22.29
CA ASP A 288 -18.52 3.16 23.67
C ASP A 288 -17.05 3.43 23.72
N GLU A 289 -16.28 2.83 22.78
CA GLU A 289 -14.82 3.00 22.83
C GLU A 289 -14.45 4.42 22.50
N LEU A 290 -15.07 4.98 21.44
CA LEU A 290 -14.81 6.33 21.02
C LEU A 290 -15.32 7.26 22.14
N LEU A 291 -16.49 7.00 22.68
CA LEU A 291 -16.95 7.82 23.82
C LEU A 291 -16.01 7.74 25.01
N GLU A 292 -15.46 6.57 25.32
CA GLU A 292 -14.49 6.44 26.45
C GLU A 292 -13.26 7.32 26.21
N ILE A 293 -12.81 7.34 24.97
CA ILE A 293 -11.60 8.12 24.64
C ILE A 293 -11.87 9.63 24.74
N MET A 294 -12.98 10.04 24.14
CA MET A 294 -13.45 11.39 24.30
C MET A 294 -13.57 11.83 25.79
N ALA A 295 -14.27 11.10 26.61
CA ALA A 295 -14.45 11.47 28.05
C ALA A 295 -13.09 11.79 28.69
N ARG A 296 -12.20 10.81 28.60
CA ARG A 296 -10.86 10.87 29.15
C ARG A 296 -10.12 12.12 28.75
N LYS A 297 -10.32 12.58 27.51
CA LYS A 297 -9.67 13.79 27.02
C LYS A 297 -10.48 15.06 27.16
N GLY A 298 -11.71 14.95 27.66
CA GLY A 298 -12.58 16.10 27.75
C GLY A 298 -13.12 16.63 26.43
N TYR A 299 -13.33 15.77 25.43
CA TYR A 299 -14.07 16.20 24.19
C TYR A 299 -15.54 15.87 24.30
N ARG A 300 -16.41 16.82 23.97
CA ARG A 300 -17.87 16.56 24.05
C ARG A 300 -18.51 16.29 22.70
N THR A 301 -17.92 16.84 21.65
CA THR A 301 -18.32 16.56 20.30
C THR A 301 -17.17 16.07 19.38
N LEU A 302 -17.55 15.36 18.31
CA LEU A 302 -16.59 15.04 17.23
C LEU A 302 -15.87 16.26 16.66
N GLU A 303 -16.57 17.36 16.49
CA GLU A 303 -15.95 18.54 15.82
C GLU A 303 -14.92 19.29 16.67
N GLU A 304 -14.83 18.98 17.98
CA GLU A 304 -13.75 19.51 18.77
C GLU A 304 -12.40 19.00 18.28
N PHE A 305 -12.32 17.75 17.80
CA PHE A 305 -10.99 17.23 17.39
C PHE A 305 -10.91 16.75 15.93
N ARG A 306 -11.98 16.89 15.15
CA ARG A 306 -11.95 16.42 13.76
C ARG A 306 -10.94 17.26 13.03
N GLY A 307 -10.08 16.60 12.25
CA GLY A 307 -9.09 17.30 11.43
C GLY A 307 -7.99 17.95 12.29
N ARG A 308 -7.90 17.66 13.58
CA ARG A 308 -6.98 18.44 14.40
C ARG A 308 -5.68 17.68 14.76
N VAL A 309 -5.27 16.74 13.90
CA VAL A 309 -4.05 16.05 14.12
C VAL A 309 -2.91 17.09 14.17
N LYS A 310 -1.97 16.90 15.10
CA LYS A 310 -0.90 17.90 15.23
C LYS A 310 0.27 17.39 14.47
N THR A 311 1.06 18.32 13.99
CA THR A 311 2.37 18.00 13.45
C THR A 311 3.48 18.46 14.42
N ILE A 312 4.71 18.07 14.09
CA ILE A 312 5.88 18.38 14.88
C ILE A 312 6.59 19.59 14.22
N GLU A 313 6.73 20.69 14.95
CA GLU A 313 7.15 22.00 14.39
C GLU A 313 6.33 22.37 13.15
N MET B 1 23.01 -30.07 5.60
CA MET B 1 22.17 -29.09 4.83
C MET B 1 22.61 -27.64 5.09
N CYS B 2 22.92 -26.94 3.99
CA CYS B 2 23.31 -25.55 4.03
C CYS B 2 22.43 -24.79 3.03
N LEU B 3 22.36 -23.46 3.19
CA LEU B 3 21.54 -22.57 2.35
C LEU B 3 22.35 -21.84 1.29
N LYS B 4 23.52 -22.38 0.91
CA LYS B 4 24.34 -21.71 -0.10
C LYS B 4 23.66 -21.56 -1.44
N LEU B 5 24.07 -20.53 -2.17
CA LEU B 5 23.65 -20.34 -3.54
C LEU B 5 24.64 -19.49 -4.30
N ASN B 6 24.47 -19.42 -5.61
CA ASN B 6 25.41 -18.80 -6.48
C ASN B 6 24.58 -17.91 -7.35
N LEU B 7 24.93 -16.64 -7.51
CA LEU B 7 24.24 -15.83 -8.50
C LEU B 7 24.94 -14.55 -8.89
N LEU B 8 24.62 -14.08 -10.09
CA LEU B 8 25.32 -12.98 -10.68
C LEU B 8 26.83 -13.26 -10.59
N ASP B 9 27.23 -14.51 -10.74
CA ASP B 9 28.65 -14.91 -10.63
C ASP B 9 29.29 -14.68 -9.23
N HIS B 10 28.48 -14.71 -8.20
CA HIS B 10 29.01 -14.60 -6.84
C HIS B 10 28.42 -15.70 -5.98
N VAL B 11 29.15 -16.11 -4.97
CA VAL B 11 28.69 -17.16 -4.07
C VAL B 11 28.12 -16.57 -2.81
N PHE B 12 26.97 -17.03 -2.34
CA PHE B 12 26.43 -16.50 -1.09
C PHE B 12 26.21 -17.63 -0.10
N ALA B 13 26.60 -17.45 1.14
CA ALA B 13 26.40 -18.51 2.19
C ALA B 13 24.94 -18.67 2.59
N ASN B 14 24.11 -17.69 2.25
CA ASN B 14 22.67 -17.78 2.48
C ASN B 14 21.99 -16.62 1.77
N PRO B 15 20.64 -16.64 1.67
CA PRO B 15 19.95 -15.66 0.83
C PRO B 15 19.69 -14.28 1.50
N PHE B 16 20.06 -14.18 2.78
CA PHE B 16 19.81 -13.02 3.62
C PHE B 16 20.82 -11.87 3.51
N MET B 17 20.25 -10.67 3.49
CA MET B 17 21.02 -9.44 3.53
C MET B 17 20.13 -8.35 4.13
N ASN B 18 20.78 -7.29 4.60
CA ASN B 18 20.10 -6.09 5.02
C ASN B 18 19.40 -5.44 3.84
N ALA B 19 18.34 -4.68 4.13
CA ALA B 19 17.79 -3.71 3.16
C ALA B 19 18.56 -2.43 3.17
N ALA B 20 18.72 -1.84 1.98
CA ALA B 20 19.31 -0.53 1.89
C ALA B 20 18.60 0.48 2.80
N GLY B 21 19.42 1.32 3.42
CA GLY B 21 19.00 2.19 4.48
C GLY B 21 19.25 1.64 5.89
N VAL B 22 19.33 0.32 6.08
CA VAL B 22 19.39 -0.24 7.47
C VAL B 22 20.80 -0.80 7.74
N LEU B 23 21.40 -0.30 8.82
CA LEU B 23 22.71 -0.73 9.30
C LEU B 23 23.75 -0.76 8.17
N CYS B 24 23.85 0.34 7.45
CA CYS B 24 24.73 0.40 6.32
C CYS B 24 25.18 1.81 5.90
N SER B 25 25.13 2.77 6.79
CA SER B 25 25.43 4.14 6.48
C SER B 25 26.93 4.53 6.75
N THR B 26 27.50 4.05 7.86
CA THR B 26 28.84 4.36 8.27
C THR B 26 29.71 3.09 8.13
N GLU B 27 31.02 3.27 8.22
CA GLU B 27 32.02 2.18 8.16
C GLU B 27 31.76 1.18 9.33
N GLU B 28 31.41 1.74 10.46
CA GLU B 28 31.02 0.98 11.61
C GLU B 28 29.90 0.01 11.28
N ASP B 29 28.82 0.56 10.68
CA ASP B 29 27.65 -0.25 10.30
C ASP B 29 28.03 -1.39 9.33
N LEU B 30 28.77 -1.04 8.30
CA LEU B 30 29.14 -2.00 7.23
C LEU B 30 30.06 -3.09 7.75
N ARG B 31 30.94 -2.75 8.68
CA ARG B 31 31.78 -3.76 9.36
C ARG B 31 30.92 -4.67 10.18
N CYS B 32 29.90 -4.12 10.82
CA CYS B 32 28.96 -4.90 11.62
C CYS B 32 28.18 -5.89 10.77
N MET B 33 27.62 -5.38 9.68
CA MET B 33 26.89 -6.20 8.72
C MET B 33 27.82 -7.28 8.14
N THR B 34 29.08 -6.93 7.86
CA THR B 34 30.07 -7.89 7.33
C THR B 34 30.37 -8.98 8.36
N ALA B 35 30.49 -8.62 9.62
CA ALA B 35 30.75 -9.62 10.72
C ALA B 35 29.54 -10.45 11.05
N SER B 36 28.38 -10.02 10.57
CA SER B 36 27.17 -10.78 10.67
C SER B 36 27.14 -12.07 9.82
N SER B 37 26.08 -12.84 10.00
CA SER B 37 25.81 -14.06 9.29
C SER B 37 25.13 -13.86 7.95
N SER B 38 24.81 -12.62 7.62
CA SER B 38 24.09 -12.34 6.44
C SER B 38 24.84 -12.97 5.32
N GLY B 39 24.14 -13.45 4.35
CA GLY B 39 24.84 -13.86 3.19
C GLY B 39 25.48 -12.77 2.37
N ALA B 40 25.20 -11.49 2.63
CA ALA B 40 25.60 -10.36 1.76
C ALA B 40 25.25 -9.03 2.49
N LEU B 41 25.60 -7.89 1.92
CA LEU B 41 25.17 -6.64 2.46
C LEU B 41 25.07 -5.60 1.36
N VAL B 42 24.32 -4.56 1.68
CA VAL B 42 24.16 -3.41 0.83
C VAL B 42 24.42 -2.10 1.60
N SER B 43 25.10 -1.17 0.91
CA SER B 43 25.48 0.09 1.52
C SER B 43 24.27 1.02 1.40
N LYS B 44 24.15 1.99 2.31
CA LYS B 44 23.13 3.05 2.20
C LYS B 44 23.07 3.68 0.78
N SER B 45 21.85 3.90 0.30
CA SER B 45 21.71 4.55 -0.97
C SER B 45 22.46 5.88 -0.85
N CYS B 46 23.20 6.20 -1.90
CA CYS B 46 24.02 7.37 -1.83
C CYS B 46 23.88 8.35 -3.03
N THR B 47 24.21 9.59 -2.72
CA THR B 47 24.22 10.74 -3.62
C THR B 47 25.71 11.21 -3.75
N SER B 48 26.01 12.08 -4.73
CA SER B 48 27.38 12.55 -4.99
C SER B 48 28.04 13.17 -3.75
N ALA B 49 27.33 14.10 -3.16
CA ALA B 49 27.83 14.84 -2.02
C ALA B 49 27.16 14.28 -0.74
N PRO B 50 27.82 14.36 0.41
CA PRO B 50 27.14 13.89 1.66
C PRO B 50 25.83 14.64 1.90
N ARG B 51 24.95 14.10 2.77
CA ARG B 51 23.63 14.66 3.02
C ARG B 51 23.32 14.40 4.46
N ASP B 52 22.91 15.46 5.16
CA ASP B 52 22.40 15.37 6.53
C ASP B 52 21.05 14.62 6.66
N GLY B 53 20.17 14.70 5.65
CA GLY B 53 18.81 14.12 5.79
C GLY B 53 17.84 15.11 6.39
N ASN B 54 16.67 14.62 6.76
CA ASN B 54 15.62 15.50 7.32
C ASN B 54 15.76 15.63 8.82
N PRO B 55 15.08 16.65 9.42
CA PRO B 55 14.96 16.83 10.89
C PRO B 55 14.45 15.56 11.62
N GLU B 56 14.98 15.27 12.83
CA GLU B 56 14.49 14.16 13.67
C GLU B 56 13.34 14.71 14.47
N PRO B 57 12.39 13.84 14.90
CA PRO B 57 12.38 12.41 14.61
C PRO B 57 11.99 12.12 13.17
N ARG B 58 12.62 11.09 12.58
CA ARG B 58 12.43 10.75 11.18
C ARG B 58 12.18 9.25 10.84
N TYR B 59 12.35 8.40 11.84
CA TYR B 59 12.01 6.98 11.76
C TYR B 59 11.31 6.58 13.09
N MET B 60 10.21 5.82 13.02
CA MET B 60 9.59 5.28 14.22
C MET B 60 9.12 3.87 13.89
N ALA B 61 9.22 3.00 14.89
CA ALA B 61 8.79 1.64 14.72
C ALA B 61 7.80 1.29 15.83
N PHE B 62 6.91 0.37 15.51
CA PHE B 62 5.79 0.05 16.36
C PHE B 62 5.62 -1.43 16.10
N PRO B 63 4.72 -2.11 16.84
CA PRO B 63 4.63 -3.56 16.67
C PRO B 63 4.34 -3.94 15.25
N LEU B 64 3.58 -3.17 14.51
CA LEU B 64 3.25 -3.69 13.17
C LEU B 64 4.22 -3.25 12.06
N GLY B 65 5.28 -2.55 12.41
CA GLY B 65 6.17 -2.00 11.40
C GLY B 65 6.66 -0.61 11.71
N SER B 66 7.06 0.07 10.63
CA SER B 66 7.80 1.33 10.68
C SER B 66 7.32 2.32 9.63
N ILE B 67 7.63 3.58 9.91
CA ILE B 67 7.39 4.75 9.04
C ILE B 67 8.68 5.54 9.06
N ASN B 68 9.05 6.10 7.88
CA ASN B 68 10.25 6.89 7.76
C ASN B 68 10.21 7.87 6.61
N SER B 69 10.95 8.95 6.87
CA SER B 69 11.08 9.99 5.94
C SER B 69 12.47 10.60 6.33
N MET B 70 13.49 9.79 6.03
CA MET B 70 14.83 10.04 6.55
C MET B 70 15.39 11.21 5.79
N GLY B 71 15.06 11.32 4.53
CA GLY B 71 15.68 12.37 3.70
C GLY B 71 17.01 12.02 3.07
N LEU B 72 17.32 10.71 2.96
CA LEU B 72 18.55 10.22 2.30
C LEU B 72 19.83 10.81 2.93
N PRO B 73 19.90 10.74 4.26
CA PRO B 73 21.18 10.97 4.88
C PRO B 73 22.19 9.91 4.39
N ASN B 74 23.39 10.31 4.01
CA ASN B 74 24.45 9.35 3.67
C ASN B 74 25.76 10.08 3.67
N LEU B 75 26.87 9.36 3.64
CA LEU B 75 28.20 9.98 3.68
C LEU B 75 28.68 10.38 2.29
N GLY B 76 27.87 10.13 1.25
CA GLY B 76 28.21 10.51 -0.09
C GLY B 76 28.97 9.42 -0.82
N PHE B 77 28.85 9.45 -2.11
CA PHE B 77 29.34 8.38 -2.91
C PHE B 77 30.83 8.13 -2.77
N ASP B 78 31.66 9.19 -2.59
CA ASP B 78 33.13 8.98 -2.43
C ASP B 78 33.42 8.02 -1.29
N PHE B 79 32.67 8.13 -0.20
CA PHE B 79 32.87 7.23 0.95
C PHE B 79 32.57 5.79 0.60
N TYR B 80 31.40 5.52 0.00
CA TYR B 80 30.98 4.13 -0.23
C TYR B 80 31.77 3.50 -1.36
N LEU B 81 32.12 4.32 -2.37
CA LEU B 81 33.02 3.83 -3.41
C LEU B 81 34.34 3.42 -2.77
N LYS B 82 34.86 4.25 -1.88
CA LYS B 82 36.08 3.91 -1.17
C LYS B 82 35.94 2.68 -0.27
N TYR B 83 34.82 2.56 0.43
CA TYR B 83 34.53 1.27 1.12
C TYR B 83 34.56 0.07 0.14
N ALA B 84 33.85 0.19 -0.96
CA ALA B 84 33.80 -0.88 -1.97
C ALA B 84 35.20 -1.21 -2.52
N SER B 85 36.00 -0.15 -2.59
CA SER B 85 37.26 -0.13 -3.28
C SER B 85 38.43 -0.61 -2.45
N ASP B 86 38.52 -0.16 -1.18
CA ASP B 86 39.69 -0.40 -0.32
C ASP B 86 39.46 -1.12 1.01
N LEU B 87 38.22 -1.09 1.53
CA LEU B 87 37.94 -1.57 2.91
C LEU B 87 37.16 -2.87 2.98
N HIS B 88 36.25 -3.14 2.04
CA HIS B 88 35.42 -4.33 2.14
C HIS B 88 36.21 -5.58 1.89
N ASP B 89 35.98 -6.54 2.76
CA ASP B 89 36.60 -7.84 2.66
C ASP B 89 35.71 -8.80 1.86
N TYR B 90 35.90 -8.80 0.54
CA TYR B 90 35.14 -9.69 -0.35
C TYR B 90 35.26 -11.18 -0.07
N SER B 91 36.24 -11.62 0.72
CA SER B 91 36.33 -13.05 1.10
C SER B 91 35.24 -13.37 2.11
N LYS B 92 34.74 -12.36 2.80
CA LYS B 92 33.66 -12.54 3.79
C LYS B 92 32.28 -12.69 3.16
N LYS B 93 31.93 -11.81 2.20
CA LYS B 93 30.65 -11.93 1.56
C LYS B 93 30.59 -10.92 0.44
N PRO B 94 29.68 -11.11 -0.50
CA PRO B 94 29.52 -10.10 -1.54
C PRO B 94 28.97 -8.79 -0.98
N LEU B 95 29.23 -7.69 -1.71
CA LEU B 95 28.76 -6.39 -1.40
C LEU B 95 28.02 -5.81 -2.57
N PHE B 96 26.85 -5.24 -2.24
CA PHE B 96 26.09 -4.40 -3.11
C PHE B 96 26.26 -2.94 -2.69
N LEU B 97 26.18 -2.03 -3.69
CA LEU B 97 26.26 -0.62 -3.46
C LEU B 97 25.04 0.02 -4.08
N SER B 98 24.20 0.58 -3.22
CA SER B 98 23.02 1.32 -3.66
C SER B 98 23.33 2.78 -4.08
N ILE B 99 22.93 3.20 -5.28
CA ILE B 99 22.98 4.59 -5.56
C ILE B 99 21.57 5.11 -5.80
N SER B 100 21.33 6.30 -5.28
CA SER B 100 20.05 6.92 -5.37
C SER B 100 20.14 8.42 -5.68
N GLY B 101 20.80 8.78 -6.78
CA GLY B 101 20.93 10.20 -7.17
C GLY B 101 19.64 10.95 -7.40
N LEU B 102 19.69 12.28 -7.27
CA LEU B 102 18.52 13.11 -7.39
C LEU B 102 18.20 13.49 -8.86
N SER B 103 19.04 13.06 -9.78
CA SER B 103 18.76 13.26 -11.21
C SER B 103 19.45 12.16 -11.96
N VAL B 104 19.09 12.03 -13.23
CA VAL B 104 19.76 11.07 -14.09
C VAL B 104 21.25 11.39 -14.27
N GLU B 105 21.61 12.68 -14.29
CA GLU B 105 23.00 13.11 -14.51
C GLU B 105 23.85 12.80 -13.28
N GLU B 106 23.31 13.06 -12.12
CA GLU B 106 23.97 12.65 -10.87
C GLU B 106 24.15 11.11 -10.90
N ASN B 107 23.11 10.37 -11.30
CA ASN B 107 23.26 8.92 -11.43
C ASN B 107 24.30 8.51 -12.47
N VAL B 108 24.28 9.12 -13.67
CA VAL B 108 25.31 8.80 -14.69
C VAL B 108 26.74 9.05 -14.16
N ALA B 109 26.98 10.20 -13.57
CA ALA B 109 28.29 10.54 -13.00
C ALA B 109 28.80 9.52 -11.93
N MET B 110 27.91 9.04 -11.04
CA MET B 110 28.30 7.98 -10.05
C MET B 110 28.59 6.62 -10.69
N VAL B 111 27.71 6.12 -11.57
CA VAL B 111 27.94 4.79 -12.18
C VAL B 111 29.25 4.67 -13.01
N ARG B 112 29.57 5.66 -13.84
CA ARG B 112 30.86 5.63 -14.61
C ARG B 112 32.03 5.41 -13.70
N ARG B 113 32.05 6.12 -12.57
CA ARG B 113 33.14 5.97 -11.60
C ARG B 113 33.07 4.67 -10.89
N LEU B 114 31.85 4.14 -10.70
CA LEU B 114 31.70 2.83 -10.07
C LEU B 114 32.17 1.69 -10.94
N ALA B 115 31.76 1.71 -12.22
CA ALA B 115 32.13 0.66 -13.20
C ALA B 115 33.53 0.05 -13.02
N PRO B 116 34.61 0.87 -13.01
CA PRO B 116 35.97 0.33 -12.83
C PRO B 116 36.12 -0.56 -11.62
N VAL B 117 35.57 -0.11 -10.49
CA VAL B 117 35.68 -0.85 -9.22
C VAL B 117 34.81 -2.11 -9.24
N ALA B 118 33.63 -2.06 -9.89
CA ALA B 118 32.80 -3.29 -10.08
C ALA B 118 33.60 -4.31 -10.90
N GLN B 119 34.12 -3.87 -12.06
CA GLN B 119 35.05 -4.69 -12.86
C GLN B 119 36.09 -5.29 -11.96
N GLU B 120 36.83 -4.44 -11.26
CA GLU B 120 37.99 -4.88 -10.50
C GLU B 120 37.57 -5.76 -9.29
N LYS B 121 36.61 -5.32 -8.46
CA LYS B 121 36.30 -6.01 -7.19
C LYS B 121 35.03 -6.83 -7.16
N GLY B 122 34.12 -6.62 -8.11
CA GLY B 122 32.84 -7.34 -8.10
C GLY B 122 31.70 -6.80 -7.19
N VAL B 123 31.85 -5.58 -6.66
CA VAL B 123 30.75 -4.85 -6.03
C VAL B 123 29.63 -4.77 -7.06
N LEU B 124 28.41 -4.93 -6.59
CA LEU B 124 27.23 -5.07 -7.40
C LEU B 124 26.35 -3.85 -7.19
N LEU B 125 26.02 -3.18 -8.29
CA LEU B 125 25.19 -1.98 -8.30
C LEU B 125 23.68 -2.30 -8.11
N GLU B 126 23.03 -1.60 -7.18
CA GLU B 126 21.57 -1.61 -7.01
C GLU B 126 21.15 -0.18 -7.22
N LEU B 127 20.54 0.08 -8.35
CA LEU B 127 20.14 1.42 -8.68
C LEU B 127 18.77 1.70 -8.11
N ASN B 128 18.67 2.69 -7.22
CA ASN B 128 17.41 2.97 -6.55
C ASN B 128 16.45 3.86 -7.34
N LEU B 129 15.37 3.22 -7.78
CA LEU B 129 14.37 3.81 -8.65
C LEU B 129 13.18 4.39 -7.91
N SER B 130 13.09 4.14 -6.59
CA SER B 130 12.15 4.81 -5.68
C SER B 130 12.79 6.03 -5.08
N CYS B 131 13.17 6.97 -5.95
CA CYS B 131 13.77 8.20 -5.54
C CYS B 131 12.98 9.21 -6.33
N PRO B 132 12.62 10.33 -5.70
CA PRO B 132 12.02 11.31 -6.60
C PRO B 132 13.08 11.89 -7.51
N ASN B 133 12.62 12.47 -8.60
CA ASN B 133 13.44 13.34 -9.40
C ASN B 133 13.10 14.77 -9.00
N VAL B 134 12.00 15.26 -9.57
CA VAL B 134 11.54 16.64 -9.47
C VAL B 134 10.42 16.75 -8.43
N PRO B 135 10.54 17.70 -7.51
CA PRO B 135 9.35 18.07 -6.73
C PRO B 135 8.14 18.30 -7.68
N GLY B 136 6.98 17.71 -7.39
CA GLY B 136 5.78 17.84 -8.26
C GLY B 136 5.49 16.69 -9.24
N LYS B 137 6.54 15.99 -9.69
CA LYS B 137 6.36 14.80 -10.51
C LYS B 137 6.56 13.58 -9.63
N PRO B 138 5.84 12.47 -9.92
CA PRO B 138 5.95 11.33 -9.00
C PRO B 138 7.39 10.82 -8.98
N GLN B 139 7.74 10.00 -7.99
CA GLN B 139 9.04 9.37 -7.96
C GLN B 139 9.28 8.63 -9.29
N VAL B 140 10.50 8.14 -9.51
CA VAL B 140 10.93 7.81 -10.88
C VAL B 140 10.25 6.57 -11.42
N ALA B 141 10.03 5.62 -10.54
CA ALA B 141 9.50 4.31 -10.93
C ALA B 141 8.01 4.40 -11.12
N TYR B 142 7.39 5.47 -10.61
CA TYR B 142 6.01 5.82 -10.93
C TYR B 142 5.90 6.75 -12.16
N ASP B 143 6.99 6.91 -12.93
CA ASP B 143 6.95 7.69 -14.18
C ASP B 143 7.72 6.91 -15.22
N PHE B 144 6.97 6.10 -15.97
CA PHE B 144 7.58 5.09 -16.84
C PHE B 144 8.47 5.71 -17.93
N GLU B 145 8.20 6.93 -18.37
CA GLU B 145 9.10 7.59 -19.35
C GLU B 145 10.46 7.96 -18.71
N ALA B 146 10.41 8.58 -17.52
CA ALA B 146 11.59 8.82 -16.70
C ALA B 146 12.35 7.55 -16.33
N MET B 147 11.63 6.51 -15.90
CA MET B 147 12.26 5.22 -15.54
C MET B 147 13.06 4.70 -16.75
N ARG B 148 12.41 4.64 -17.94
CA ARG B 148 13.12 4.28 -19.21
C ARG B 148 14.39 5.13 -19.50
N THR B 149 14.27 6.43 -19.28
CA THR B 149 15.40 7.33 -19.40
C THR B 149 16.54 7.00 -18.43
N TYR B 150 16.23 6.80 -17.13
CA TYR B 150 17.31 6.43 -16.20
C TYR B 150 17.95 5.12 -16.64
N LEU B 151 17.13 4.13 -17.00
CA LEU B 151 17.65 2.83 -17.43
C LEU B 151 18.55 2.90 -18.67
N GLN B 152 18.09 3.69 -19.64
CA GLN B 152 18.87 3.94 -20.89
C GLN B 152 20.22 4.54 -20.57
N GLN B 153 20.20 5.67 -19.88
CA GLN B 153 21.40 6.45 -19.56
C GLN B 153 22.39 5.77 -18.64
N VAL B 154 21.88 5.13 -17.58
CA VAL B 154 22.72 4.37 -16.68
C VAL B 154 23.28 3.15 -17.41
N SER B 155 22.46 2.47 -18.19
CA SER B 155 22.94 1.26 -18.89
C SER B 155 24.10 1.61 -19.83
N LEU B 156 23.90 2.68 -20.61
CA LEU B 156 24.93 3.25 -21.49
C LEU B 156 26.19 3.55 -20.70
N ALA B 157 25.98 4.28 -19.61
CA ALA B 157 27.05 4.80 -18.77
C ALA B 157 27.79 3.73 -17.96
N TYR B 158 27.09 2.77 -17.38
CA TYR B 158 27.74 1.78 -16.52
C TYR B 158 28.20 0.57 -17.34
N GLY B 159 27.37 0.12 -18.27
CA GLY B 159 27.70 -1.00 -19.14
C GLY B 159 28.07 -2.34 -18.51
N LEU B 160 27.75 -2.56 -17.24
CA LEU B 160 27.88 -3.90 -16.61
C LEU B 160 26.53 -4.36 -16.05
N PRO B 161 26.43 -5.64 -15.67
CA PRO B 161 25.15 -6.09 -15.06
C PRO B 161 24.83 -5.28 -13.80
N PHE B 162 23.57 -4.86 -13.63
CA PHE B 162 23.15 -4.19 -12.39
C PHE B 162 21.71 -4.54 -12.08
N GLY B 163 21.28 -4.16 -10.86
CA GLY B 163 19.89 -4.34 -10.43
C GLY B 163 19.20 -3.06 -9.99
N VAL B 164 17.87 -3.15 -9.85
CA VAL B 164 17.08 -1.96 -9.49
C VAL B 164 16.16 -2.22 -8.27
N LYS B 165 15.98 -1.20 -7.45
CA LYS B 165 15.09 -1.27 -6.30
C LYS B 165 13.82 -0.54 -6.67
N MET B 166 12.71 -1.28 -6.69
CA MET B 166 11.43 -0.81 -7.13
C MET B 166 10.54 -0.48 -5.94
N PRO B 167 9.68 0.55 -6.06
CA PRO B 167 8.62 0.78 -5.08
C PRO B 167 7.53 -0.20 -5.44
N PRO B 168 6.65 -0.54 -4.50
CA PRO B 168 5.52 -1.38 -4.83
C PRO B 168 4.58 -0.74 -5.81
N TYR B 169 3.99 -1.56 -6.68
CA TYR B 169 2.78 -1.17 -7.44
C TYR B 169 1.54 -1.89 -6.94
N PHE B 170 0.37 -1.42 -7.39
CA PHE B 170 -0.88 -1.87 -6.81
C PHE B 170 -1.93 -2.18 -7.80
N ASP B 171 -1.55 -2.11 -9.08
CA ASP B 171 -2.43 -2.20 -10.22
C ASP B 171 -1.75 -3.12 -11.26
N ILE B 172 -2.55 -3.98 -11.89
CA ILE B 172 -2.04 -4.99 -12.80
C ILE B 172 -1.49 -4.35 -14.07
N ALA B 173 -2.17 -3.34 -14.59
CA ALA B 173 -1.61 -2.66 -15.77
C ALA B 173 -0.20 -2.07 -15.45
N HIS B 174 0.05 -1.58 -14.22
CA HIS B 174 1.38 -1.04 -13.90
C HIS B 174 2.43 -2.11 -13.74
N PHE B 175 2.07 -3.26 -13.16
CA PHE B 175 3.02 -4.38 -13.25
C PHE B 175 3.41 -4.68 -14.73
N ASP B 176 2.43 -4.70 -15.62
CA ASP B 176 2.69 -5.06 -17.03
C ASP B 176 3.57 -3.99 -17.64
N THR B 177 3.18 -2.73 -17.47
CA THR B 177 3.97 -1.62 -17.98
C THR B 177 5.36 -1.62 -17.32
N ALA B 178 5.44 -1.74 -16.00
CA ALA B 178 6.72 -1.57 -15.34
C ALA B 178 7.70 -2.59 -15.84
N ALA B 179 7.23 -3.83 -15.87
CA ALA B 179 8.06 -4.97 -16.21
C ALA B 179 8.43 -4.99 -17.69
N ALA B 180 7.48 -4.63 -18.56
CA ALA B 180 7.82 -4.41 -19.98
C ALA B 180 8.97 -3.41 -20.06
N VAL B 181 8.98 -2.34 -19.26
CA VAL B 181 10.14 -1.43 -19.30
C VAL B 181 11.48 -2.08 -18.87
N LEU B 182 11.51 -2.72 -17.72
CA LEU B 182 12.71 -3.33 -17.23
C LEU B 182 13.27 -4.41 -18.19
N ASN B 183 12.35 -5.12 -18.84
CA ASN B 183 12.71 -6.09 -19.89
C ASN B 183 13.34 -5.48 -21.14
N GLU B 184 13.21 -4.17 -21.33
CA GLU B 184 13.90 -3.49 -22.41
C GLU B 184 15.39 -3.48 -22.18
N PHE B 185 15.82 -3.78 -20.95
CA PHE B 185 17.22 -3.59 -20.56
C PHE B 185 17.88 -4.89 -20.09
N PRO B 186 18.71 -5.49 -20.94
CA PRO B 186 19.37 -6.77 -20.63
C PRO B 186 20.43 -6.65 -19.55
N LEU B 187 20.96 -5.46 -19.32
CA LEU B 187 21.91 -5.28 -18.18
C LEU B 187 21.24 -5.32 -16.78
N VAL B 188 19.93 -5.08 -16.69
CA VAL B 188 19.23 -5.19 -15.39
C VAL B 188 19.02 -6.68 -15.04
N LYS B 189 19.87 -7.27 -14.22
CA LYS B 189 19.80 -8.71 -13.98
C LYS B 189 19.05 -9.04 -12.69
N PHE B 190 18.83 -8.06 -11.82
CA PHE B 190 18.02 -8.31 -10.63
C PHE B 190 17.09 -7.13 -10.35
N VAL B 191 15.90 -7.47 -9.85
CA VAL B 191 14.86 -6.51 -9.47
C VAL B 191 14.56 -6.76 -8.00
N THR B 192 14.75 -5.71 -7.18
CA THR B 192 14.48 -5.81 -5.73
C THR B 192 13.13 -5.17 -5.49
N CYS B 193 12.16 -6.01 -5.11
CA CYS B 193 10.75 -5.62 -4.77
C CYS B 193 10.56 -5.96 -3.32
N VAL B 194 10.32 -4.97 -2.47
CA VAL B 194 9.97 -3.61 -2.84
C VAL B 194 10.61 -2.62 -1.88
N ASN B 195 10.63 -1.35 -2.24
CA ASN B 195 10.92 -0.25 -1.27
C ASN B 195 9.69 0.01 -0.42
N SER B 196 9.77 1.01 0.45
CA SER B 196 8.63 1.39 1.31
C SER B 196 7.30 1.58 0.60
N VAL B 197 6.25 1.19 1.32
CA VAL B 197 4.87 1.56 0.89
C VAL B 197 4.74 3.10 1.16
N GLY B 198 4.73 3.87 0.07
CA GLY B 198 4.90 5.30 0.12
C GLY B 198 3.83 6.11 0.87
N ASN B 199 4.31 7.12 1.62
CA ASN B 199 3.52 8.15 2.28
C ASN B 199 2.36 7.68 3.14
N GLY B 200 2.64 6.79 4.09
CA GLY B 200 1.61 6.42 5.04
C GLY B 200 1.72 7.48 6.14
N LEU B 201 0.83 7.41 7.10
CA LEU B 201 0.79 8.40 8.15
C LEU B 201 0.42 7.60 9.46
N VAL B 202 1.36 7.53 10.38
CA VAL B 202 1.05 7.04 11.77
C VAL B 202 0.71 8.20 12.65
N ILE B 203 -0.43 8.10 13.31
CA ILE B 203 -0.85 9.05 14.33
C ILE B 203 -0.90 8.40 15.76
N ASP B 204 -0.45 9.13 16.76
CA ASP B 204 -0.42 8.64 18.11
C ASP B 204 -1.67 9.20 18.84
N ALA B 205 -2.50 8.27 19.35
CA ALA B 205 -3.75 8.62 20.03
C ALA B 205 -3.57 9.47 21.26
N GLU B 206 -2.58 9.20 22.10
CA GLU B 206 -2.51 9.89 23.43
C GLU B 206 -2.15 11.35 23.21
N SER B 207 -1.14 11.58 22.37
CA SER B 207 -0.66 12.90 22.08
C SER B 207 -1.37 13.61 20.91
N GLU B 208 -2.16 12.87 20.17
CA GLU B 208 -2.90 13.38 19.02
C GLU B 208 -1.98 14.03 17.98
N SER B 209 -0.77 13.48 17.84
CA SER B 209 0.29 13.99 16.96
C SER B 209 0.79 12.88 16.06
N VAL B 210 1.12 13.25 14.85
CA VAL B 210 1.93 12.40 14.02
C VAL B 210 3.27 12.11 14.72
N VAL B 211 4.06 11.17 14.22
CA VAL B 211 5.24 10.68 15.02
C VAL B 211 6.61 10.94 14.42
N ILE B 212 6.61 11.47 13.20
CA ILE B 212 7.87 11.84 12.59
C ILE B 212 7.65 13.25 12.13
N LYS B 213 8.75 14.03 12.12
CA LYS B 213 8.69 15.47 11.97
C LYS B 213 8.58 15.98 10.50
N PRO B 214 9.36 15.36 9.57
CA PRO B 214 9.26 15.70 8.15
C PRO B 214 7.89 15.39 7.47
N LYS B 215 7.54 16.18 6.46
CA LYS B 215 6.42 15.87 5.57
C LYS B 215 5.07 15.76 6.30
N GLN B 216 4.88 16.61 7.28
CA GLN B 216 3.67 16.63 8.07
C GLN B 216 3.26 15.24 8.65
N GLY B 217 4.26 14.37 8.85
CA GLY B 217 4.07 13.07 9.49
C GLY B 217 3.98 11.93 8.51
N PHE B 218 4.05 12.28 7.23
CA PHE B 218 3.85 11.33 6.13
C PHE B 218 5.18 10.58 5.81
N GLY B 219 5.14 9.30 5.49
CA GLY B 219 6.38 8.56 5.37
C GLY B 219 6.23 7.18 4.76
N GLY B 220 7.36 6.61 4.40
CA GLY B 220 7.43 5.24 3.91
C GLY B 220 7.20 4.22 5.05
N LEU B 221 6.32 3.27 4.72
CA LEU B 221 5.94 2.16 5.56
C LEU B 221 6.78 0.91 5.29
N GLY B 222 7.25 0.29 6.34
CA GLY B 222 7.82 -1.03 6.26
C GLY B 222 7.25 -1.90 7.36
N GLY B 223 7.61 -3.16 7.32
CA GLY B 223 7.37 -4.07 8.41
C GLY B 223 6.21 -4.96 8.04
N LYS B 224 5.49 -5.41 9.07
CA LYS B 224 4.35 -6.32 8.90
C LYS B 224 3.19 -5.71 8.08
N TYR B 225 3.08 -4.39 8.02
CA TYR B 225 2.05 -3.78 7.24
C TYR B 225 2.24 -4.15 5.77
N ILE B 226 3.46 -4.50 5.30
CA ILE B 226 3.63 -4.51 3.83
C ILE B 226 3.89 -5.87 3.20
N LEU B 227 3.87 -6.89 4.03
CA LEU B 227 4.33 -8.20 3.56
C LEU B 227 3.53 -8.74 2.35
N PRO B 228 2.21 -8.72 2.43
CA PRO B 228 1.46 -9.19 1.27
C PRO B 228 1.64 -8.30 0.02
N THR B 229 1.93 -7.03 0.23
CA THR B 229 2.29 -6.12 -0.86
C THR B 229 3.64 -6.47 -1.43
N ALA B 230 4.54 -6.93 -0.56
CA ALA B 230 5.90 -7.20 -1.05
C ALA B 230 5.87 -8.52 -1.81
N LEU B 231 5.03 -9.46 -1.31
CA LEU B 231 4.87 -10.78 -1.92
C LEU B 231 4.23 -10.66 -3.28
N ALA B 232 3.26 -9.81 -3.44
CA ALA B 232 2.56 -9.67 -4.72
C ALA B 232 3.49 -9.12 -5.82
N ASN B 233 4.20 -8.06 -5.50
CA ASN B 233 5.31 -7.56 -6.22
C ASN B 233 6.47 -8.51 -6.58
N VAL B 234 6.99 -9.29 -5.64
CA VAL B 234 8.01 -10.27 -5.92
C VAL B 234 7.40 -11.21 -6.94
N ASN B 235 6.22 -11.75 -6.63
CA ASN B 235 5.64 -12.67 -7.57
C ASN B 235 5.22 -12.12 -8.94
N ALA B 236 4.71 -10.91 -9.00
CA ALA B 236 4.34 -10.28 -10.24
C ALA B 236 5.52 -10.09 -11.15
N PHE B 237 6.69 -9.68 -10.61
CA PHE B 237 7.93 -9.49 -11.37
C PHE B 237 8.65 -10.80 -11.71
N TYR B 238 8.54 -11.77 -10.83
CA TYR B 238 9.10 -13.05 -11.05
C TYR B 238 8.47 -13.70 -12.25
N ARG B 239 7.16 -13.64 -12.33
CA ARG B 239 6.40 -14.17 -13.43
C ARG B 239 6.68 -13.36 -14.74
N ARG B 240 6.77 -12.04 -14.67
CA ARG B 240 6.95 -11.21 -15.88
C ARG B 240 8.40 -10.96 -16.35
N CYS B 241 9.40 -11.40 -15.61
CA CYS B 241 10.82 -11.13 -15.93
C CYS B 241 11.56 -12.45 -15.76
N PRO B 242 11.32 -13.40 -16.67
CA PRO B 242 11.89 -14.73 -16.50
C PRO B 242 13.38 -14.81 -16.68
N ASP B 243 14.00 -13.82 -17.32
CA ASP B 243 15.45 -13.83 -17.52
C ASP B 243 16.16 -12.93 -16.53
N LYS B 244 15.46 -12.51 -15.47
CA LYS B 244 16.06 -11.78 -14.37
C LYS B 244 15.87 -12.50 -13.06
N LEU B 245 16.66 -12.14 -12.07
CA LEU B 245 16.34 -12.51 -10.68
C LEU B 245 15.43 -11.47 -10.01
N VAL B 246 14.66 -11.91 -9.02
CA VAL B 246 13.96 -11.01 -8.14
C VAL B 246 14.51 -11.24 -6.72
N PHE B 247 14.80 -10.09 -6.07
CA PHE B 247 15.14 -10.03 -4.66
C PHE B 247 13.91 -9.55 -3.95
N GLY B 248 13.56 -10.18 -2.84
CA GLY B 248 12.38 -9.75 -2.18
C GLY B 248 12.75 -8.93 -0.99
N CYS B 249 11.97 -7.89 -0.73
CA CYS B 249 12.17 -7.06 0.43
C CYS B 249 10.82 -6.70 0.90
N GLY B 250 10.59 -6.84 2.20
CA GLY B 250 9.34 -6.33 2.76
C GLY B 250 8.73 -7.23 3.80
N GLY B 251 8.77 -6.80 5.04
CA GLY B 251 8.06 -7.50 6.09
C GLY B 251 8.63 -8.85 6.50
N VAL B 252 9.95 -9.03 6.43
CA VAL B 252 10.57 -10.26 6.86
C VAL B 252 10.96 -10.10 8.30
N TYR B 253 10.21 -10.74 9.20
CA TYR B 253 10.57 -10.87 10.63
C TYR B 253 10.99 -12.34 11.04
N SER B 254 10.77 -13.28 10.15
CA SER B 254 11.00 -14.70 10.45
C SER B 254 11.42 -15.47 9.23
N GLY B 255 11.93 -16.64 9.52
CA GLY B 255 12.18 -17.69 8.51
C GLY B 255 10.98 -18.03 7.64
N GLU B 256 9.83 -18.16 8.32
CA GLU B 256 8.56 -18.31 7.60
C GLU B 256 8.36 -17.23 6.53
N ASP B 257 8.54 -15.95 6.89
CA ASP B 257 8.30 -14.82 5.95
C ASP B 257 9.29 -14.86 4.78
N ALA B 258 10.52 -15.19 5.11
CA ALA B 258 11.55 -15.43 4.13
C ALA B 258 11.15 -16.54 3.20
N PHE B 259 10.63 -17.64 3.77
CA PHE B 259 10.14 -18.81 2.96
C PHE B 259 9.03 -18.45 2.01
N LEU B 260 8.10 -17.57 2.44
CA LEU B 260 7.01 -17.13 1.54
C LEU B 260 7.57 -16.21 0.43
N HIS B 261 8.56 -15.41 0.76
CA HIS B 261 9.23 -14.58 -0.25
C HIS B 261 9.92 -15.45 -1.33
N ILE B 262 10.58 -16.51 -0.90
CA ILE B 262 11.23 -17.39 -1.88
C ILE B 262 10.17 -18.12 -2.74
N LEU B 263 9.11 -18.65 -2.11
CA LEU B 263 8.02 -19.33 -2.87
C LEU B 263 7.43 -18.37 -3.87
N ALA B 264 7.36 -17.11 -3.47
CA ALA B 264 6.90 -16.05 -4.37
C ALA B 264 7.89 -15.81 -5.52
N GLY B 265 9.14 -16.24 -5.31
CA GLY B 265 10.15 -16.26 -6.37
C GLY B 265 11.42 -15.47 -6.09
N ALA B 266 11.66 -15.12 -4.83
CA ALA B 266 12.81 -14.38 -4.43
C ALA B 266 14.06 -15.26 -4.33
N SER B 267 15.15 -14.67 -4.81
CA SER B 267 16.46 -15.34 -4.79
C SER B 267 17.17 -14.86 -3.56
N MET B 268 17.25 -13.54 -3.38
CA MET B 268 17.73 -12.98 -2.13
C MET B 268 16.56 -12.36 -1.37
N VAL B 269 16.70 -12.41 -0.06
CA VAL B 269 15.71 -11.91 0.90
C VAL B 269 16.38 -10.84 1.80
N GLN B 270 15.86 -9.60 1.67
CA GLN B 270 16.38 -8.43 2.40
C GLN B 270 15.53 -8.17 3.62
N VAL B 271 16.17 -7.64 4.67
CA VAL B 271 15.54 -7.36 5.94
C VAL B 271 15.84 -5.87 6.25
N GLY B 272 14.79 -5.09 6.46
CA GLY B 272 14.92 -3.71 6.87
C GLY B 272 14.46 -3.54 8.31
N THR B 273 13.17 -3.24 8.48
CA THR B 273 12.56 -2.83 9.75
C THR B 273 12.93 -3.85 10.85
N ALA B 274 12.82 -5.13 10.56
CA ALA B 274 13.06 -6.18 11.58
C ALA B 274 14.51 -6.13 12.01
N LEU B 275 15.41 -5.85 11.08
CA LEU B 275 16.86 -5.70 11.41
C LEU B 275 17.15 -4.38 12.22
N GLN B 276 16.50 -3.29 11.82
CA GLN B 276 16.56 -2.10 12.63
C GLN B 276 16.15 -2.38 14.06
N GLU B 277 15.14 -3.21 14.23
CA GLU B 277 14.54 -3.39 15.56
C GLU B 277 15.27 -4.43 16.39
N GLU B 278 15.71 -5.53 15.81
CA GLU B 278 16.29 -6.60 16.58
C GLU B 278 17.81 -6.62 16.59
N GLY B 279 18.42 -6.06 15.54
CA GLY B 279 19.87 -6.12 15.40
C GLY B 279 20.29 -7.30 14.54
N PRO B 280 21.57 -7.34 14.19
CA PRO B 280 22.21 -8.32 13.26
C PRO B 280 22.21 -9.79 13.70
N GLY B 281 21.87 -10.06 14.96
CA GLY B 281 21.67 -11.44 15.38
C GLY B 281 20.47 -12.02 14.65
N ILE B 282 19.60 -11.14 14.16
CA ILE B 282 18.42 -11.62 13.44
C ILE B 282 18.79 -12.62 12.36
N PHE B 283 19.96 -12.44 11.74
CA PHE B 283 20.37 -13.33 10.69
C PHE B 283 20.52 -14.79 11.13
N THR B 284 21.15 -15.05 12.25
CA THR B 284 21.22 -16.45 12.73
C THR B 284 19.84 -17.09 12.97
N ARG B 285 18.87 -16.32 13.46
CA ARG B 285 17.53 -16.85 13.72
C ARG B 285 16.81 -17.12 12.45
N LEU B 286 16.89 -16.18 11.51
CA LEU B 286 16.23 -16.37 10.24
C LEU B 286 16.77 -17.60 9.47
N GLU B 287 18.07 -17.79 9.50
CA GLU B 287 18.69 -18.96 8.88
C GLU B 287 18.12 -20.23 9.48
N ASP B 288 18.18 -20.34 10.79
CA ASP B 288 17.74 -21.55 11.49
C ASP B 288 16.25 -21.79 11.28
N GLU B 289 15.45 -20.70 11.30
CA GLU B 289 14.00 -20.87 11.13
C GLU B 289 13.76 -21.38 9.74
N LEU B 290 14.42 -20.82 8.73
CA LEU B 290 14.22 -21.24 7.36
C LEU B 290 14.71 -22.69 7.21
N LEU B 291 15.84 -23.04 7.81
CA LEU B 291 16.34 -24.39 7.61
C LEU B 291 15.41 -25.36 8.24
N GLU B 292 14.75 -24.95 9.32
CA GLU B 292 13.82 -25.79 10.03
C GLU B 292 12.55 -26.06 9.22
N ILE B 293 11.95 -25.00 8.68
CA ILE B 293 10.80 -25.17 7.77
C ILE B 293 11.17 -26.06 6.59
N MET B 294 12.38 -25.91 6.05
CA MET B 294 12.82 -26.74 4.93
C MET B 294 12.87 -28.21 5.34
N ALA B 295 13.51 -28.47 6.45
CA ALA B 295 13.69 -29.83 6.94
C ALA B 295 12.32 -30.51 7.10
N ARG B 296 11.40 -29.81 7.77
CA ARG B 296 10.07 -30.35 8.08
C ARG B 296 9.29 -30.70 6.80
N LYS B 297 9.55 -29.98 5.71
CA LYS B 297 8.89 -30.19 4.45
C LYS B 297 9.71 -31.12 3.54
N GLY B 298 10.95 -31.43 3.92
CA GLY B 298 11.82 -32.25 3.09
C GLY B 298 12.41 -31.56 1.88
N TYR B 299 12.65 -30.24 2.01
CA TYR B 299 13.34 -29.47 0.98
C TYR B 299 14.84 -29.43 1.32
N ARG B 300 15.68 -29.66 0.32
CA ARG B 300 17.14 -29.61 0.50
C ARG B 300 17.73 -28.31 -0.05
N THR B 301 17.09 -27.72 -1.04
CA THR B 301 17.60 -26.54 -1.65
C THR B 301 16.51 -25.48 -1.84
N LEU B 302 16.93 -24.23 -1.98
CA LEU B 302 15.99 -23.15 -2.17
C LEU B 302 15.38 -23.32 -3.55
N GLU B 303 16.22 -23.78 -4.47
CA GLU B 303 15.87 -24.07 -5.88
C GLU B 303 14.61 -24.91 -6.03
N GLU B 304 14.44 -25.86 -5.11
CA GLU B 304 13.31 -26.78 -5.10
C GLU B 304 11.96 -26.08 -4.92
N PHE B 305 11.89 -24.99 -4.15
CA PHE B 305 10.57 -24.26 -4.03
C PHE B 305 10.59 -22.80 -4.52
N ARG B 306 11.71 -22.30 -5.02
CA ARG B 306 11.69 -20.90 -5.38
C ARG B 306 10.68 -20.76 -6.49
N GLY B 307 9.77 -19.82 -6.29
CA GLY B 307 8.80 -19.47 -7.32
C GLY B 307 7.71 -20.51 -7.48
N ARG B 308 7.64 -21.46 -6.57
CA ARG B 308 6.71 -22.58 -6.68
C ARG B 308 5.40 -22.42 -5.92
N VAL B 309 5.05 -21.20 -5.52
CA VAL B 309 3.78 -20.94 -4.84
C VAL B 309 2.65 -21.52 -5.72
N LYS B 310 1.71 -22.20 -5.08
CA LYS B 310 0.58 -22.76 -5.80
C LYS B 310 -0.56 -21.77 -5.97
N THR B 311 -1.24 -21.90 -7.09
CA THR B 311 -2.49 -21.20 -7.26
C THR B 311 -3.63 -22.21 -7.12
N ILE B 312 -4.86 -21.72 -7.06
CA ILE B 312 -6.03 -22.60 -6.94
C ILE B 312 -6.67 -22.82 -8.30
N GLU B 313 -6.73 -24.10 -8.70
CA GLU B 313 -7.42 -24.58 -9.91
C GLU B 313 -6.78 -24.10 -11.22
OAA ROU C . -15.84 -6.71 -5.87
CAR ROU C . -14.64 -6.40 -5.64
OAD ROU C . -13.68 -7.14 -6.02
CAV ROU C . -14.27 -5.21 -4.95
NAP ROU C . -13.46 -5.42 -3.85
CAX ROU C . -12.91 -4.35 -3.17
OAB ROU C . -12.19 -4.54 -2.19
NAQ ROU C . -13.27 -3.09 -3.54
CAY ROU C . -14.09 -2.83 -4.65
OAC ROU C . -14.38 -1.63 -4.87
CAW ROU C . -14.61 -3.92 -5.38
CAO ROU C . -15.45 -3.84 -6.46
CAN ROU C . -14.87 -3.07 -7.66
CAS ROU C . -14.17 -3.97 -8.48
CAK ROU C . -14.83 -4.68 -9.53
CAT ROU C . -14.13 -5.57 -10.36
CAZ ROU C . -14.84 -6.30 -11.39
FAF ROU C . -15.17 -7.44 -11.00
FAG ROU C . -15.96 -5.63 -11.76
FAE ROU C . -14.23 -6.49 -12.27
CAM ROU C . -12.76 -5.75 -10.11
CAU ROU C . -12.09 -5.05 -9.09
CBA ROU C . -10.66 -5.20 -8.87
FAI ROU C . -9.96 -4.31 -9.69
FAJ ROU C . -10.25 -4.93 -7.54
FAH ROU C . -10.25 -6.59 -9.19
CAL ROU C . -12.81 -4.17 -8.30
C1 GOL D . -29.38 -6.67 13.51
O1 GOL D . -29.72 -7.98 13.03
C2 GOL D . -28.21 -6.85 14.43
O2 GOL D . -28.68 -7.69 15.51
C3 GOL D . -27.64 -5.50 14.84
O3 GOL D . -26.73 -5.63 15.95
C1 GOL E . -0.41 -11.50 -11.41
O1 GOL E . 0.67 -11.82 -12.28
C2 GOL E . -1.74 -11.47 -12.16
O2 GOL E . -1.79 -10.42 -13.15
C3 GOL E . -2.80 -11.26 -11.09
O3 GOL E . -4.12 -11.21 -11.61
C1 GOL F . -1.40 -15.45 6.39
O1 GOL F . -0.48 -15.01 7.41
C2 GOL F . -1.93 -16.84 6.74
O2 GOL F . -0.85 -17.57 7.31
C3 GOL F . -2.43 -17.61 5.50
O3 GOL F . -3.12 -18.85 5.79
C1 GOL G . -8.53 22.33 6.53
O1 GOL G . -8.08 21.65 5.36
C2 GOL G . -9.93 22.87 6.28
O2 GOL G . -10.41 23.53 7.46
C3 GOL G . -10.88 21.74 5.92
O3 GOL G . -12.20 22.24 5.71
C1 GOL H . -3.69 -1.62 14.69
O1 GOL H . -2.37 -2.11 14.93
C2 GOL H . -4.41 -1.29 16.00
O2 GOL H . -4.16 0.09 16.29
C3 GOL H . -5.94 -1.55 15.98
O3 GOL H . -6.56 -1.89 14.73
C1 GOL I . -1.64 6.02 -9.01
O1 GOL I . -0.93 4.78 -8.85
C2 GOL I . -1.91 6.40 -10.49
O2 GOL I . -0.88 5.94 -11.38
C3 GOL I . -2.12 7.91 -10.63
O3 GOL I . -1.83 8.42 -11.94
C1 GOL J . 2.07 4.64 -13.04
O1 GOL J . 1.46 5.56 -13.96
C2 GOL J . 2.37 5.23 -11.66
O2 GOL J . 1.51 6.35 -11.48
C3 GOL J . 2.24 4.18 -10.53
O3 GOL J . 1.60 4.70 -9.34
C1 GOL K . -27.83 9.63 -20.69
O1 GOL K . -28.39 8.42 -20.16
C2 GOL K . -28.13 9.68 -22.17
O2 GOL K . -27.64 8.46 -22.75
C3 GOL K . -27.47 10.94 -22.75
O3 GOL K . -28.37 11.58 -23.65
C1 GOL L . -20.91 -10.31 3.71
O1 GOL L . -20.52 -8.91 3.80
C2 GOL L . -22.42 -10.52 3.43
O2 GOL L . -23.12 -11.11 4.56
C3 GOL L . -22.63 -11.42 2.24
O3 GOL L . -24.03 -11.62 2.17
C1 GOL M . -20.17 17.85 10.16
O1 GOL M . -19.69 18.72 9.12
C2 GOL M . -20.92 18.64 11.26
O2 GOL M . -19.99 19.51 11.95
C3 GOL M . -21.59 17.64 12.22
O3 GOL M . -22.35 18.24 13.30
C1 GOL N . -3.85 13.63 -15.53
O1 GOL N . -2.53 13.40 -15.99
C2 GOL N . -4.33 15.04 -15.84
O2 GOL N . -5.57 14.94 -16.56
C3 GOL N . -4.51 15.79 -14.53
O3 GOL N . -4.97 17.14 -14.71
C1 GOL O . -8.72 -6.39 17.51
O1 GOL O . -8.35 -7.30 16.44
C2 GOL O . -10.19 -6.01 17.45
O2 GOL O . -11.00 -7.17 17.29
C3 GOL O . -10.62 -5.27 18.72
O3 GOL O . -10.06 -3.93 18.80
N1 FMN P . -15.55 -1.22 -1.78
C2 FMN P . -16.41 -0.73 -2.70
O2 FMN P . -16.35 0.47 -3.01
N3 FMN P . -17.31 -1.48 -3.30
C4 FMN P . -17.47 -2.79 -3.06
O4 FMN P . -18.34 -3.49 -3.63
C4A FMN P . -16.58 -3.41 -2.09
N5 FMN P . -16.69 -4.68 -1.78
C5A FMN P . -15.89 -5.24 -0.82
C6 FMN P . -16.03 -6.58 -0.49
C7 FMN P . -15.23 -7.16 0.50
C7M FMN P . -15.43 -8.61 0.83
C8 FMN P . -14.23 -6.35 1.22
C8M FMN P . -13.30 -6.94 2.27
C9 FMN P . -14.08 -5.02 0.88
C9A FMN P . -14.87 -4.43 -0.12
N10 FMN P . -14.75 -3.07 -0.47
C10 FMN P . -15.60 -2.54 -1.45
C1' FMN P . -13.76 -2.19 0.16
C2' FMN P . -14.29 -1.68 1.45
O2' FMN P . -15.38 -0.83 1.17
C3' FMN P . -13.14 -0.93 2.12
O3' FMN P . -12.90 0.18 1.30
C4' FMN P . -11.82 -1.74 2.31
O4' FMN P . -12.08 -3.08 2.66
C5' FMN P . -10.97 -1.18 3.42
O5' FMN P . -11.69 -1.13 4.66
P FMN P . -11.23 -2.18 5.86
O1P FMN P . -12.13 -1.76 6.98
O2P FMN P . -9.78 -1.90 5.99
O3P FMN P . -11.47 -3.54 5.20
CO NCO Q . -18.96 -14.11 10.77
N1 NCO Q . -20.89 -14.27 10.75
N2 NCO Q . -17.00 -13.88 10.76
N3 NCO Q . -18.91 -13.27 8.96
N4 NCO Q . -19.09 -12.25 11.51
N5 NCO Q . -18.91 -14.96 12.68
N6 NCO Q . -18.74 -15.98 10.11
OAA ROU R . 16.20 7.91 2.90
CAR ROU R . 14.94 7.81 2.65
OAD ROU R . 14.05 8.66 3.08
CAV ROU R . 14.45 6.64 1.99
NAP ROU R . 13.53 5.90 2.76
CAX ROU R . 12.95 4.78 2.23
OAB ROU R . 12.15 4.18 2.89
NAQ ROU R . 13.32 4.35 0.99
CAY ROU R . 14.24 5.05 0.20
OAC ROU R . 14.49 4.61 -0.92
CAW ROU R . 14.81 6.23 0.71
CAO ROU R . 15.75 7.02 -0.01
CAN ROU R . 15.18 7.64 -1.32
CAS ROU R . 14.47 8.82 -1.04
CAK ROU R . 15.10 10.09 -0.98
CAT ROU R . 14.43 11.30 -0.69
CAZ ROU R . 15.17 12.56 -0.65
FAF ROU R . 16.12 12.57 -1.56
FAG ROU R . 14.41 13.57 -0.98
FAE ROU R . 15.76 12.81 0.56
CAM ROU R . 13.06 11.23 -0.48
CAU ROU R . 12.38 9.99 -0.56
CBA ROU R . 10.95 9.91 -0.37
FAI ROU R . 10.35 10.95 0.61
FAJ ROU R . 10.36 10.05 -1.66
FAH ROU R . 10.63 8.61 0.08
CAL ROU R . 13.09 8.80 -0.83
C1 GOL S . 3.26 15.59 2.62
O1 GOL S . 4.27 16.55 2.90
C2 GOL S . 2.02 16.44 2.39
O2 GOL S . 1.92 16.57 0.99
C3 GOL S . 0.83 15.77 3.02
O3 GOL S . -0.40 16.43 2.80
C1 GOL T . 19.03 4.57 12.20
O1 GOL T . 19.57 4.59 10.87
C2 GOL T . 17.66 5.22 12.29
O2 GOL T . 17.80 6.64 12.36
C3 GOL T . 16.92 4.72 13.53
O3 GOL T . 16.47 5.81 14.37
N1 FMN U . 15.66 1.77 0.61
C2 FMN U . 16.55 2.22 -0.29
O2 FMN U . 16.47 1.81 -1.48
N3 FMN U . 17.48 3.16 0.03
C4 FMN U . 17.67 3.70 1.24
O4 FMN U . 18.57 4.53 1.52
C4A FMN U . 16.72 3.29 2.27
N5 FMN U . 16.83 3.78 3.52
C5A FMN U . 15.98 3.30 4.46
C6 FMN U . 16.07 3.79 5.76
C7 FMN U . 15.20 3.31 6.75
C7M FMN U . 15.36 3.84 8.14
C8 FMN U . 14.16 2.30 6.42
C8M FMN U . 13.16 1.76 7.43
C9 FMN U . 14.08 1.80 5.14
C9A FMN U . 14.93 2.28 4.14
N10 FMN U . 14.81 1.78 2.83
C10 FMN U . 15.70 2.27 1.86
C1' FMN U . 13.79 0.79 2.39
C2' FMN U . 14.19 -0.62 2.71
O2' FMN U . 15.34 -0.91 1.95
C3' FMN U . 13.03 -1.59 2.47
O3' FMN U . 12.75 -1.45 1.08
C4' FMN U . 11.71 -1.29 3.22
O4' FMN U . 11.95 -0.72 4.50
C5' FMN U . 10.75 -2.45 3.34
O5' FMN U . 11.39 -3.52 4.02
P FMN U . 11.04 -3.93 5.55
O1P FMN U . 11.90 -5.10 5.76
O2P FMN U . 9.60 -4.23 5.33
O3P FMN U . 11.40 -2.67 6.33
#